data_9MGP
#
_entry.id   9MGP
#
_cell.length_a   99.140
_cell.length_b   137.690
_cell.length_c   178.430
_cell.angle_alpha   90.000
_cell.angle_beta   90.000
_cell.angle_gamma   90.000
#
_symmetry.space_group_name_H-M   'I 2 2 2'
#
loop_
_entity.id
_entity.type
_entity.pdbx_description
1 polymer 'Protein arginine N-methyltransferase 5'
2 polymer 'Methylosome protein 50'
3 non-polymer "5'-DEOXY-5'-METHYLTHIOADENOSINE"
4 non-polymer [2-(cyclobutylamino)pyridin-4-yl][(3R,4R)-3-hydroxy-4-{6-[(1-methyl-1H-pyrazol-5-yl)methyl]-3,4-dihydroisoquinolin-2(1H)-yl}piperidin-1-yl]methanone
5 non-polymer 1,2-ETHANEDIOL
6 non-polymer 'SODIUM ION'
7 non-polymer GLYCEROL
8 non-polymer 'CHLORIDE ION'
9 water water
#
loop_
_entity_poly.entity_id
_entity_poly.type
_entity_poly.pdbx_seq_one_letter_code
_entity_poly.pdbx_strand_id
1 'polypeptide(L)'
;MDYKDDDDKAAMAVGGAGGSRVSSGRDLNCVPEIADTLGAVAKQGFDFLCMPVFHPRFKREFIQEPAKNRPGPQTRSDLL
LSGRDWNTLIVGKLSPWIRPDSKVEKIRRNSEAAMLQELNFGAYLGLPAFLLPLNQEDNTNLARVLTNHIHTGHHSSMFW
MRVPLVAPEDLRDDIIENAPTTHTEEYSGEEKTWMWWHNFRTLCDYSKRIAVALEIGADLPSNHVIDRWLGEPIKAAILP
TSIFLTNKKGFPVLSKMHQRLIFRLLKLEVQFIITGTNHHSEKEFCSYLQYLEYLSQNRPPPNAYELFAKGYEDYLQSPL
QPLMDNLESQTYEVFEKDPIKYSQYQQAIYKCLLDRVPEEEKDTNVQVLMVLGAGRGPLVNASLRAAKQADRRIKLYAVE
KNPNAVVTLENWQFEEWGSQVTVVSSDMREWVAPEKADIIVSELLGSFADNELSPECLDGAQHFLKDDGVSIPGEYTSFL
APISSSKLYNEVRACREKDRDPEAQFEMPYVVRLHNFHQLSAPQPCFTFSHPNRDPMIDNNRYCTLEFPVEVNTVLHGFA
GYFETVLYQDITLSIRPETHSPGMFSWFPILFPIKQPITVREGQTICVRFWRCSNSKKVWYEWAVTAPVCSAIHNPTGRS
YTIGL
;
A
2 'polypeptide(L)'
;MHHHHHHHHRKETPPPLVPPAAREWNLPPNAPACMERQLEAARYRSDGALLLGASSLSGRCWAGSLWLFKDPCAAPNEGF
CSAGVQTEAGVADLTWVGERGILVASDSGAVELWELDENETLIVSKFCKYEHDDIVSTVSVLSSGTQAVSGSKDICIKVW
DLAQQVVLSSYRAHAAQVTCVAASPHKDSVFLSCSEDNRILLWDTRCPKPASQIGCSAPGYLPTSLAWHPQQSEVFVFGD
ENGTVSLVDTKSTSCVLSSAVHSQCVTGLVFSPHSVPFLASLSEDCSLAVLDSSLSELFRSQAHRDFVRDATWSPLNHSL
LTTVGWDHQVVHHVVPTEPLPAPGPASVTE
;
B
#
loop_
_chem_comp.id
_chem_comp.type
_chem_comp.name
_chem_comp.formula
A1BLI non-polymer [2-(cyclobutylamino)pyridin-4-yl][(3R,4R)-3-hydroxy-4-{6-[(1-methyl-1H-pyrazol-5-yl)methyl]-3,4-dihydroisoquinolin-2(1H)-yl}piperidin-1-yl]methanone 'C29 H36 N6 O2'
CL non-polymer 'CHLORIDE ION' 'Cl -1'
EDO non-polymer 1,2-ETHANEDIOL 'C2 H6 O2'
GOL non-polymer GLYCEROL 'C3 H8 O3'
MTA non-polymer 5'-DEOXY-5'-METHYLTHIOADENOSINE 'C11 H15 N5 O3 S'
NA non-polymer 'SODIUM ION' 'Na 1'
#
# COMPACT_ATOMS: atom_id res chain seq x y z
N ARG A 21 0.93 1.88 -20.75
CA ARG A 21 2.22 1.53 -20.07
C ARG A 21 2.19 2.04 -18.62
N VAL A 22 3.31 1.92 -17.90
CA VAL A 22 3.37 2.05 -16.41
C VAL A 22 3.55 3.51 -16.02
N SER A 23 2.63 4.04 -15.20
CA SER A 23 2.79 5.30 -14.44
C SER A 23 3.66 5.00 -13.20
N SER A 24 4.84 5.63 -13.10
CA SER A 24 5.88 5.33 -12.09
C SER A 24 6.46 6.62 -11.50
N GLY A 25 6.92 6.55 -10.24
CA GLY A 25 7.53 7.67 -9.51
C GLY A 25 8.86 7.28 -8.88
N ARG A 26 9.63 8.28 -8.45
CA ARG A 26 10.92 8.10 -7.73
C ARG A 26 10.73 8.53 -6.27
N ASP A 27 11.18 7.69 -5.32
CA ASP A 27 11.23 8.01 -3.87
C ASP A 27 12.65 8.42 -3.51
N LEU A 28 12.83 9.66 -3.05
CA LEU A 28 14.12 10.20 -2.51
C LEU A 28 13.87 10.72 -1.10
N ASN A 29 14.88 10.61 -0.23
CA ASN A 29 14.86 11.18 1.15
C ASN A 29 15.89 12.32 1.23
N CYS A 30 16.47 12.69 0.08
CA CYS A 30 17.53 13.74 -0.07
C CYS A 30 17.24 14.57 -1.32
N VAL A 31 16.98 15.87 -1.15
CA VAL A 31 16.64 16.83 -2.24
C VAL A 31 17.36 18.15 -1.98
N PRO A 32 18.60 18.34 -2.51
CA PRO A 32 19.33 19.58 -2.29
C PRO A 32 18.64 20.76 -2.99
N GLU A 33 18.53 20.69 -4.32
CA GLU A 33 17.85 21.70 -5.18
C GLU A 33 16.62 21.05 -5.82
N ILE A 34 15.44 21.29 -5.24
CA ILE A 34 14.11 20.80 -5.73
C ILE A 34 13.99 21.00 -7.25
N ALA A 35 14.52 22.12 -7.77
CA ALA A 35 14.57 22.44 -9.21
C ALA A 35 15.38 21.36 -9.96
N ASP A 36 16.66 21.20 -9.61
CA ASP A 36 17.60 20.26 -10.27
C ASP A 36 17.11 18.82 -10.07
N THR A 37 16.78 18.45 -8.83
CA THR A 37 16.34 17.08 -8.42
C THR A 37 15.16 16.64 -9.30
N LEU A 38 14.09 17.44 -9.34
CA LEU A 38 12.84 17.13 -10.08
C LEU A 38 13.11 17.08 -11.59
N GLY A 39 13.97 17.98 -12.08
CA GLY A 39 14.41 18.01 -13.49
C GLY A 39 15.17 16.75 -13.88
N ALA A 40 15.87 16.15 -12.92
CA ALA A 40 16.71 14.93 -13.12
C ALA A 40 15.82 13.68 -13.17
N VAL A 41 14.82 13.55 -12.28
CA VAL A 41 13.97 12.34 -12.17
C VAL A 41 13.03 12.28 -13.39
N ALA A 42 12.56 13.44 -13.88
CA ALA A 42 11.75 13.57 -15.10
C ALA A 42 12.61 13.16 -16.32
N LYS A 43 13.87 13.60 -16.33
CA LYS A 43 14.89 13.23 -17.35
C LYS A 43 15.18 11.73 -17.26
N GLN A 44 15.24 11.18 -16.03
CA GLN A 44 15.40 9.73 -15.76
C GLN A 44 14.20 8.96 -16.36
N GLY A 45 13.02 9.57 -16.34
CA GLY A 45 11.80 9.05 -17.03
C GLY A 45 10.60 8.89 -16.11
N PHE A 46 10.69 9.33 -14.85
CA PHE A 46 9.62 9.20 -13.83
C PHE A 46 8.50 10.22 -14.11
N ASP A 47 7.27 9.89 -13.70
CA ASP A 47 6.05 10.73 -13.91
C ASP A 47 5.85 11.67 -12.72
N PHE A 48 6.38 11.31 -11.53
CA PHE A 48 6.24 12.11 -10.30
C PHE A 48 7.40 11.80 -9.33
N LEU A 49 7.45 12.54 -8.22
CA LEU A 49 8.55 12.50 -7.21
C LEU A 49 7.95 12.42 -5.80
N CYS A 50 8.36 11.43 -5.01
CA CYS A 50 8.07 11.32 -3.55
C CYS A 50 9.27 11.88 -2.78
N MET A 51 9.10 13.04 -2.12
CA MET A 51 10.18 13.75 -1.40
C MET A 51 9.68 14.21 -0.03
N PRO A 52 10.59 14.60 0.90
CA PRO A 52 10.21 15.31 2.11
C PRO A 52 9.85 16.77 1.82
N VAL A 53 8.87 17.31 2.54
CA VAL A 53 8.41 18.74 2.41
C VAL A 53 9.06 19.57 3.52
N PHE A 54 9.60 18.91 4.55
CA PHE A 54 10.58 19.45 5.52
C PHE A 54 11.79 18.51 5.53
N HIS A 55 13.01 19.05 5.70
CA HIS A 55 14.26 18.23 5.74
C HIS A 55 14.09 17.11 6.75
N PRO A 56 14.25 15.83 6.35
CA PRO A 56 13.98 14.69 7.24
C PRO A 56 14.60 14.77 8.64
N ARG A 57 15.78 15.37 8.77
CA ARG A 57 16.57 15.40 10.04
C ARG A 57 16.28 16.68 10.83
N PHE A 58 15.59 17.65 10.23
CA PHE A 58 15.25 18.95 10.87
C PHE A 58 14.15 18.75 11.92
N LYS A 59 14.51 18.15 13.06
CA LYS A 59 13.57 17.93 14.19
C LYS A 59 13.21 19.30 14.77
N ARG A 60 11.94 19.48 15.16
CA ARG A 60 11.36 20.80 15.56
C ARG A 60 10.65 20.65 16.91
N GLU A 61 10.88 21.61 17.81
CA GLU A 61 10.28 21.68 19.17
C GLU A 61 9.13 22.69 19.15
N PHE A 62 8.00 22.35 19.79
CA PHE A 62 6.74 23.13 19.78
C PHE A 62 6.36 23.59 21.20
N ILE A 63 6.97 23.01 22.24
CA ILE A 63 6.56 23.20 23.67
C ILE A 63 7.66 23.94 24.44
N GLN A 64 8.83 23.30 24.59
CA GLN A 64 9.89 23.69 25.57
C GLN A 64 10.87 24.68 24.92
N GLU A 65 11.10 25.81 25.58
CA GLU A 65 12.15 26.82 25.23
C GLU A 65 13.52 26.20 25.49
N PRO A 66 14.61 26.62 24.80
CA PRO A 66 14.57 27.71 23.81
C PRO A 66 14.34 27.28 22.34
N ALA A 67 14.33 25.97 22.07
CA ALA A 67 14.17 25.39 20.71
C ALA A 67 12.79 25.74 20.13
N LYS A 68 11.79 25.90 21.02
CA LYS A 68 10.41 26.34 20.68
C LYS A 68 10.45 27.56 19.75
N ASN A 69 11.30 28.54 20.06
CA ASN A 69 11.36 29.85 19.36
C ASN A 69 12.51 29.86 18.36
N ARG A 70 12.72 28.76 17.63
CA ARG A 70 13.76 28.64 16.56
C ARG A 70 13.38 29.56 15.40
N PRO A 71 14.22 30.56 15.04
CA PRO A 71 13.96 31.42 13.88
C PRO A 71 13.73 30.61 12.59
N GLY A 72 12.78 31.04 11.77
CA GLY A 72 12.46 30.44 10.46
C GLY A 72 13.46 30.86 9.39
N PRO A 73 13.25 30.51 8.10
CA PRO A 73 12.11 29.69 7.68
C PRO A 73 12.18 28.23 8.15
N GLN A 74 11.03 27.57 8.28
CA GLN A 74 10.90 26.19 8.83
C GLN A 74 11.07 25.15 7.71
N THR A 75 10.80 25.53 6.45
CA THR A 75 11.12 24.71 5.25
C THR A 75 11.32 25.63 4.04
N ARG A 76 11.54 25.04 2.86
CA ARG A 76 11.81 25.78 1.60
C ARG A 76 10.48 26.30 1.03
N SER A 77 10.55 27.34 0.19
CA SER A 77 9.40 28.15 -0.28
C SER A 77 8.53 27.36 -1.27
N ASP A 78 7.23 27.67 -1.29
CA ASP A 78 6.23 27.16 -2.27
C ASP A 78 6.44 27.84 -3.63
N LEU A 79 7.24 28.92 -3.67
CA LEU A 79 7.55 29.70 -4.89
C LEU A 79 8.52 28.92 -5.80
N LEU A 80 9.21 27.90 -5.28
CA LEU A 80 10.29 27.16 -5.98
C LEU A 80 9.70 26.27 -7.09
N LEU A 81 8.38 26.02 -7.06
CA LEU A 81 7.66 25.27 -8.13
C LEU A 81 6.34 25.98 -8.46
N SER A 82 5.81 25.71 -9.65
CA SER A 82 4.46 26.13 -10.11
C SER A 82 3.40 25.30 -9.37
N GLY A 83 2.21 25.86 -9.17
CA GLY A 83 1.06 25.16 -8.57
C GLY A 83 0.74 23.87 -9.31
N ARG A 84 0.93 23.87 -10.63
CA ARG A 84 0.75 22.69 -11.52
C ARG A 84 1.73 21.58 -11.12
N ASP A 85 2.99 21.94 -10.90
CA ASP A 85 4.08 20.99 -10.52
C ASP A 85 3.74 20.36 -9.17
N TRP A 86 3.37 21.17 -8.17
CA TRP A 86 2.91 20.70 -6.84
C TRP A 86 1.70 19.77 -7.00
N ASN A 87 0.77 20.14 -7.88
CA ASN A 87 -0.53 19.44 -8.09
C ASN A 87 -0.33 18.07 -8.75
N THR A 88 0.68 17.92 -9.60
CA THR A 88 0.83 16.74 -10.50
C THR A 88 2.07 15.90 -10.12
N LEU A 89 3.20 16.53 -9.80
CA LEU A 89 4.54 15.88 -9.81
C LEU A 89 4.99 15.48 -8.38
N ILE A 90 4.51 16.15 -7.33
CA ILE A 90 5.09 16.03 -5.96
C ILE A 90 4.15 15.23 -5.05
N VAL A 91 4.65 14.12 -4.51
CA VAL A 91 4.04 13.35 -3.39
C VAL A 91 4.82 13.68 -2.11
N GLY A 92 4.14 14.16 -1.07
CA GLY A 92 4.75 14.49 0.23
C GLY A 92 5.15 13.25 0.99
N LYS A 93 6.04 13.40 1.98
CA LYS A 93 6.49 12.30 2.88
C LYS A 93 6.61 12.83 4.32
N LEU A 94 5.91 12.20 5.26
CA LEU A 94 6.01 12.53 6.71
C LEU A 94 7.46 12.33 7.15
N SER A 95 8.08 13.37 7.72
CA SER A 95 9.46 13.34 8.26
C SER A 95 9.62 12.12 9.17
N PRO A 96 10.69 11.31 8.99
CA PRO A 96 10.79 10.03 9.69
C PRO A 96 10.91 10.16 11.23
N TRP A 97 11.35 11.31 11.74
CA TRP A 97 11.48 11.58 13.20
C TRP A 97 10.10 11.67 13.86
N ILE A 98 9.04 11.98 13.10
CA ILE A 98 7.66 12.20 13.62
C ILE A 98 7.09 10.84 14.05
N ARG A 99 6.94 10.63 15.36
CA ARG A 99 6.48 9.36 15.99
C ARG A 99 5.36 9.68 16.97
N PRO A 100 4.09 9.77 16.51
CA PRO A 100 2.98 10.09 17.39
C PRO A 100 2.64 9.01 18.43
N ASP A 101 3.17 7.80 18.27
CA ASP A 101 2.91 6.65 19.17
C ASP A 101 4.17 6.29 19.97
N SER A 102 5.14 7.21 20.06
CA SER A 102 6.31 7.10 20.95
C SER A 102 5.84 6.83 22.39
N LYS A 103 6.67 6.18 23.19
CA LYS A 103 6.38 5.86 24.62
C LYS A 103 6.63 7.10 25.48
N VAL A 104 7.32 8.10 24.94
CA VAL A 104 7.66 9.38 25.63
C VAL A 104 6.54 10.39 25.35
N GLU A 105 5.90 10.91 26.40
CA GLU A 105 4.82 11.93 26.34
C GLU A 105 5.28 13.11 25.48
N LYS A 106 6.49 13.62 25.75
CA LYS A 106 7.06 14.83 25.08
C LYS A 106 7.18 14.57 23.57
N ILE A 107 7.70 13.41 23.17
CA ILE A 107 7.95 13.05 21.74
C ILE A 107 6.60 12.85 21.04
N ARG A 108 5.58 12.37 21.76
CA ARG A 108 4.19 12.24 21.25
C ARG A 108 3.67 13.63 20.89
N ARG A 109 3.71 14.56 21.85
CA ARG A 109 3.15 15.94 21.71
C ARG A 109 3.86 16.68 20.58
N ASN A 110 5.19 16.61 20.52
CA ASN A 110 5.98 17.23 19.41
C ASN A 110 5.53 16.61 18.08
N SER A 111 5.47 15.28 18.01
CA SER A 111 5.09 14.49 16.82
C SER A 111 3.66 14.84 16.36
N GLU A 112 2.73 15.03 17.31
CA GLU A 112 1.33 15.46 17.05
C GLU A 112 1.36 16.80 16.31
N ALA A 113 1.93 17.84 16.94
CA ALA A 113 2.05 19.21 16.41
C ALA A 113 2.81 19.19 15.07
N ALA A 114 3.87 18.36 14.98
CA ALA A 114 4.74 18.24 13.79
C ALA A 114 3.98 17.61 12.63
N MET A 115 3.18 16.58 12.91
CA MET A 115 2.41 15.82 11.89
C MET A 115 1.37 16.74 11.25
N LEU A 116 0.56 17.42 12.07
CA LEU A 116 -0.45 18.42 11.62
C LEU A 116 0.23 19.47 10.73
N GLN A 117 1.41 19.96 11.16
CA GLN A 117 2.21 20.96 10.42
C GLN A 117 2.58 20.44 9.02
N GLU A 118 3.06 19.20 8.92
CA GLU A 118 3.54 18.59 7.65
C GLU A 118 2.33 18.28 6.75
N LEU A 119 1.24 17.76 7.33
CA LEU A 119 -0.02 17.45 6.59
C LEU A 119 -0.67 18.75 6.10
N ASN A 120 -0.71 19.77 6.96
CA ASN A 120 -1.35 21.09 6.65
C ASN A 120 -0.54 21.81 5.58
N PHE A 121 0.79 21.65 5.58
CA PHE A 121 1.70 22.23 4.56
C PHE A 121 1.51 21.45 3.25
N GLY A 122 1.29 20.14 3.33
CA GLY A 122 0.96 19.29 2.17
C GLY A 122 -0.30 19.81 1.48
N ALA A 123 -1.34 20.10 2.27
CA ALA A 123 -2.66 20.60 1.82
C ALA A 123 -2.51 22.00 1.23
N TYR A 124 -1.60 22.81 1.78
CA TYR A 124 -1.28 24.18 1.32
C TYR A 124 -0.75 24.13 -0.12
N LEU A 125 0.18 23.21 -0.40
CA LEU A 125 0.82 23.04 -1.74
C LEU A 125 -0.16 22.36 -2.71
N GLY A 126 -1.22 21.73 -2.19
CA GLY A 126 -2.23 21.00 -2.98
C GLY A 126 -1.65 19.73 -3.59
N LEU A 127 -0.92 18.94 -2.81
CA LEU A 127 -0.23 17.70 -3.26
C LEU A 127 -1.26 16.63 -3.57
N PRO A 128 -1.11 15.88 -4.70
CA PRO A 128 -2.02 14.81 -5.05
C PRO A 128 -2.11 13.71 -3.97
N ALA A 129 -0.98 13.40 -3.33
CA ALA A 129 -0.87 12.40 -2.23
C ALA A 129 0.26 12.76 -1.27
N PHE A 130 0.20 12.19 -0.06
CA PHE A 130 1.20 12.37 1.04
C PHE A 130 1.43 11.00 1.70
N LEU A 131 2.70 10.58 1.83
CA LEU A 131 3.11 9.23 2.34
C LEU A 131 3.27 9.26 3.86
N LEU A 132 2.68 8.28 4.55
CA LEU A 132 2.84 8.04 6.01
C LEU A 132 3.17 6.56 6.23
N PRO A 133 4.19 6.23 7.05
CA PRO A 133 4.55 4.83 7.30
C PRO A 133 3.68 4.13 8.36
N LEU A 134 3.45 2.84 8.15
CA LEU A 134 3.01 1.88 9.21
C LEU A 134 4.20 0.98 9.53
N ASN A 135 5.00 1.38 10.54
CA ASN A 135 6.30 0.76 10.94
C ASN A 135 6.10 -0.30 12.04
N GLN A 136 5.12 -0.07 12.92
CA GLN A 136 4.92 -0.85 14.17
C GLN A 136 3.46 -1.28 14.26
N GLU A 137 3.11 -2.07 15.29
CA GLU A 137 1.74 -2.60 15.53
C GLU A 137 0.82 -1.46 15.95
N ASP A 138 1.24 -0.65 16.92
CA ASP A 138 0.42 0.43 17.53
C ASP A 138 0.69 1.75 16.78
N ASN A 139 -0.18 2.09 15.82
CA ASN A 139 -0.22 3.40 15.12
C ASN A 139 -1.56 4.08 15.43
N THR A 140 -2.05 3.96 16.66
CA THR A 140 -3.38 4.46 17.13
C THR A 140 -3.39 5.98 17.07
N ASN A 141 -2.41 6.63 17.70
CA ASN A 141 -2.31 8.12 17.78
C ASN A 141 -2.07 8.68 16.37
N LEU A 142 -1.21 8.05 15.58
CA LEU A 142 -0.96 8.40 14.15
C LEU A 142 -2.30 8.44 13.39
N ALA A 143 -3.16 7.44 13.60
CA ALA A 143 -4.49 7.32 12.96
C ALA A 143 -5.39 8.46 13.43
N ARG A 144 -5.35 8.79 14.73
CA ARG A 144 -6.17 9.84 15.38
C ARG A 144 -5.81 11.20 14.79
N VAL A 145 -4.52 11.51 14.68
CA VAL A 145 -4.00 12.81 14.17
C VAL A 145 -4.37 12.94 12.68
N LEU A 146 -4.22 11.88 11.88
CA LEU A 146 -4.59 11.88 10.44
C LEU A 146 -6.11 12.05 10.31
N THR A 147 -6.89 11.36 11.14
CA THR A 147 -8.38 11.44 11.17
C THR A 147 -8.78 12.88 11.49
N ASN A 148 -8.12 13.51 12.48
CA ASN A 148 -8.33 14.94 12.85
C ASN A 148 -8.13 15.82 11.62
N HIS A 149 -7.01 15.63 10.90
CA HIS A 149 -6.61 16.41 9.69
C HIS A 149 -7.63 16.22 8.56
N ILE A 150 -8.14 15.00 8.37
CA ILE A 150 -9.08 14.66 7.26
C ILE A 150 -10.41 15.41 7.49
N HIS A 151 -10.85 15.54 8.74
CA HIS A 151 -12.13 16.22 9.13
C HIS A 151 -11.88 17.69 9.45
N THR A 152 -10.90 18.31 8.76
CA THR A 152 -10.57 19.76 8.83
C THR A 152 -10.89 20.38 7.46
N GLY A 153 -12.19 20.48 7.14
CA GLY A 153 -12.69 20.88 5.81
C GLY A 153 -12.60 19.73 4.82
N HIS A 154 -13.65 19.57 3.98
CA HIS A 154 -13.70 18.55 2.90
C HIS A 154 -12.67 18.92 1.82
N HIS A 155 -11.45 18.37 1.91
CA HIS A 155 -10.30 18.67 1.01
C HIS A 155 -9.78 17.37 0.39
N SER A 156 -9.91 17.23 -0.93
CA SER A 156 -9.55 16.01 -1.71
C SER A 156 -8.02 15.92 -1.82
N SER A 157 -7.42 15.11 -0.94
CA SER A 157 -5.98 14.75 -0.92
C SER A 157 -5.88 13.27 -0.53
N MET A 158 -5.01 12.52 -1.19
CA MET A 158 -4.78 11.06 -0.92
C MET A 158 -3.70 10.91 0.15
N PHE A 159 -3.83 9.88 0.99
CA PHE A 159 -2.85 9.49 2.03
C PHE A 159 -2.43 8.04 1.77
N TRP A 160 -1.27 7.86 1.15
CA TRP A 160 -0.64 6.55 0.87
C TRP A 160 0.04 6.04 2.15
N MET A 161 -0.55 5.04 2.81
CA MET A 161 0.04 4.38 4.00
C MET A 161 1.10 3.38 3.54
N ARG A 162 2.37 3.64 3.87
CA ARG A 162 3.53 2.79 3.51
C ARG A 162 3.54 1.56 4.43
N VAL A 163 3.18 0.40 3.89
CA VAL A 163 3.12 -0.91 4.62
C VAL A 163 4.06 -1.89 3.92
N PRO A 164 4.90 -2.64 4.66
CA PRO A 164 5.75 -3.65 4.06
C PRO A 164 5.02 -4.99 3.91
N LEU A 165 5.25 -5.70 2.80
CA LEU A 165 4.70 -7.05 2.53
C LEU A 165 5.18 -8.00 3.63
N VAL A 166 6.42 -7.78 4.12
CA VAL A 166 7.03 -8.46 5.29
C VAL A 166 7.68 -7.39 6.19
N ALA A 167 7.39 -7.43 7.50
CA ALA A 167 7.90 -6.48 8.52
C ALA A 167 9.42 -6.59 8.61
N PRO A 168 10.16 -5.48 8.86
CA PRO A 168 11.62 -5.51 8.88
C PRO A 168 12.18 -6.49 9.92
N GLU A 169 11.45 -6.68 11.03
CA GLU A 169 11.78 -7.61 12.15
C GLU A 169 11.82 -9.06 11.63
N ASP A 170 10.97 -9.40 10.66
CA ASP A 170 10.73 -10.79 10.19
C ASP A 170 11.53 -11.09 8.91
N LEU A 171 12.39 -10.16 8.46
CA LEU A 171 13.34 -10.40 7.33
C LEU A 171 14.76 -10.00 7.72
N ARG A 172 15.01 -9.71 9.00
CA ARG A 172 16.35 -9.36 9.53
C ARG A 172 17.29 -10.57 9.37
N ASP A 173 18.57 -10.32 9.12
CA ASP A 173 19.63 -11.36 9.04
C ASP A 173 19.69 -12.11 10.37
N ASP A 174 19.86 -13.43 10.33
CA ASP A 174 19.92 -14.31 11.53
C ASP A 174 21.33 -14.22 12.11
N ILE A 175 21.72 -13.03 12.59
CA ILE A 175 23.12 -12.69 12.98
C ILE A 175 23.17 -12.13 14.41
N ILE A 176 22.05 -12.13 15.14
CA ILE A 176 22.00 -11.81 16.60
C ILE A 176 22.05 -13.12 17.39
N GLU A 177 23.18 -13.39 18.05
CA GLU A 177 23.54 -14.70 18.66
C GLU A 177 22.52 -15.11 19.73
N ASN A 178 22.09 -14.17 20.59
CA ASN A 178 21.25 -14.43 21.79
C ASN A 178 19.77 -14.11 21.50
N ALA A 179 19.39 -13.95 20.23
CA ALA A 179 18.01 -13.72 19.78
C ALA A 179 17.87 -14.16 18.32
N PRO A 180 17.66 -15.47 18.06
CA PRO A 180 17.63 -15.99 16.69
C PRO A 180 16.26 -15.84 16.04
N THR A 181 16.23 -15.73 14.70
CA THR A 181 15.00 -15.68 13.87
C THR A 181 14.36 -17.08 13.90
N THR A 182 13.13 -17.18 14.42
CA THR A 182 12.40 -18.47 14.62
C THR A 182 12.34 -19.25 13.31
N HIS A 183 12.77 -20.52 13.33
CA HIS A 183 12.80 -21.44 12.16
C HIS A 183 11.47 -22.22 12.06
N THR A 184 10.39 -21.66 12.64
CA THR A 184 9.02 -22.25 12.63
C THR A 184 8.10 -21.32 11.83
N GLU A 185 7.00 -21.86 11.31
CA GLU A 185 5.97 -21.10 10.54
C GLU A 185 4.87 -20.64 11.48
N GLU A 186 4.61 -19.32 11.52
CA GLU A 186 3.46 -18.69 12.22
C GLU A 186 2.53 -18.09 11.17
N TYR A 187 1.52 -18.85 10.74
CA TYR A 187 0.60 -18.52 9.63
C TYR A 187 0.08 -17.08 9.79
N SER A 188 -0.47 -16.78 10.97
CA SER A 188 -1.05 -15.46 11.32
C SER A 188 0.07 -14.43 11.56
N GLY A 189 1.15 -14.85 12.23
CA GLY A 189 2.34 -14.02 12.52
C GLY A 189 2.90 -13.39 11.26
N GLU A 190 2.96 -14.14 10.16
CA GLU A 190 3.54 -13.70 8.85
C GLU A 190 2.57 -12.75 8.13
N GLU A 191 1.36 -12.55 8.66
CA GLU A 191 0.31 -11.64 8.12
C GLU A 191 0.16 -10.40 9.03
N LYS A 192 0.99 -10.26 10.06
CA LYS A 192 0.88 -9.17 11.08
C LYS A 192 0.87 -7.80 10.38
N THR A 193 1.59 -7.68 9.27
CA THR A 193 1.75 -6.44 8.46
C THR A 193 0.38 -5.99 7.94
N TRP A 194 -0.53 -6.93 7.67
CA TRP A 194 -1.91 -6.65 7.18
C TRP A 194 -2.77 -6.13 8.34
N MET A 195 -2.63 -6.69 9.55
CA MET A 195 -3.37 -6.27 10.76
C MET A 195 -2.97 -4.84 11.14
N TRP A 196 -1.73 -4.44 10.84
CA TRP A 196 -1.23 -3.05 10.97
C TRP A 196 -2.14 -2.13 10.15
N TRP A 197 -2.31 -2.46 8.87
CA TRP A 197 -3.14 -1.70 7.89
C TRP A 197 -4.62 -1.75 8.30
N HIS A 198 -5.13 -2.96 8.60
CA HIS A 198 -6.55 -3.19 8.96
C HIS A 198 -6.93 -2.37 10.19
N ASN A 199 -6.11 -2.43 11.25
CA ASN A 199 -6.36 -1.71 12.52
C ASN A 199 -6.33 -0.20 12.26
N PHE A 200 -5.42 0.26 11.40
CA PHE A 200 -5.25 1.71 11.06
C PHE A 200 -6.50 2.21 10.33
N ARG A 201 -6.81 1.59 9.18
CA ARG A 201 -7.93 2.03 8.29
C ARG A 201 -9.28 1.89 9.03
N THR A 202 -9.41 0.92 9.94
CA THR A 202 -10.62 0.69 10.77
C THR A 202 -10.78 1.85 11.76
N LEU A 203 -9.69 2.29 12.39
CA LEU A 203 -9.65 3.43 13.34
C LEU A 203 -10.05 4.72 12.62
N CYS A 204 -9.63 4.88 11.35
CA CYS A 204 -9.89 6.06 10.49
C CYS A 204 -11.25 5.96 9.79
N ASP A 205 -11.98 4.86 10.01
CA ASP A 205 -13.40 4.69 9.61
C ASP A 205 -13.51 4.55 8.08
N TYR A 206 -12.61 3.76 7.49
CA TYR A 206 -12.61 3.41 6.03
C TYR A 206 -12.73 4.67 5.18
N SER A 207 -11.83 5.64 5.40
CA SER A 207 -11.72 6.88 4.59
C SER A 207 -11.22 6.55 3.18
N LYS A 208 -11.95 6.98 2.16
CA LYS A 208 -11.59 6.81 0.72
C LYS A 208 -10.30 7.58 0.40
N ARG A 209 -9.84 8.43 1.31
CA ARG A 209 -8.60 9.25 1.17
C ARG A 209 -7.39 8.47 1.70
N ILE A 210 -7.59 7.27 2.23
CA ILE A 210 -6.53 6.43 2.88
C ILE A 210 -6.37 5.13 2.11
N ALA A 211 -5.25 5.00 1.37
CA ALA A 211 -4.91 3.86 0.50
C ALA A 211 -3.57 3.25 0.94
N VAL A 212 -3.23 2.09 0.35
CA VAL A 212 -1.99 1.30 0.68
C VAL A 212 -0.93 1.57 -0.37
N ALA A 213 0.26 1.97 0.08
CA ALA A 213 1.53 1.95 -0.68
C ALA A 213 2.33 0.72 -0.23
N LEU A 214 2.04 -0.44 -0.83
CA LEU A 214 2.63 -1.74 -0.44
C LEU A 214 4.11 -1.77 -0.82
N GLU A 215 4.99 -2.03 0.16
CA GLU A 215 6.46 -2.09 -0.02
C GLU A 215 6.89 -3.55 -0.09
N ILE A 216 7.63 -3.91 -1.14
CA ILE A 216 7.97 -5.32 -1.52
C ILE A 216 9.47 -5.56 -1.26
N GLY A 217 9.80 -6.45 -0.31
CA GLY A 217 11.17 -6.76 0.10
C GLY A 217 11.86 -7.72 -0.86
N ALA A 218 13.12 -8.07 -0.57
CA ALA A 218 14.00 -8.93 -1.40
C ALA A 218 13.41 -10.34 -1.53
N ASP A 219 12.93 -10.91 -0.41
CA ASP A 219 12.35 -12.27 -0.34
C ASP A 219 10.85 -12.16 -0.03
N LEU A 220 9.99 -12.59 -0.96
CA LEU A 220 8.51 -12.59 -0.79
C LEU A 220 8.14 -13.55 0.34
N PRO A 221 7.00 -13.32 1.02
CA PRO A 221 6.45 -14.30 1.95
C PRO A 221 5.62 -15.35 1.22
N SER A 222 4.94 -16.23 1.97
CA SER A 222 3.99 -17.23 1.45
C SER A 222 2.85 -16.51 0.72
N ASN A 223 2.20 -17.18 -0.23
CA ASN A 223 1.14 -16.60 -1.10
C ASN A 223 -0.01 -16.07 -0.24
N HIS A 224 -0.35 -16.79 0.85
CA HIS A 224 -1.47 -16.44 1.76
C HIS A 224 -1.23 -15.04 2.37
N VAL A 225 0.03 -14.66 2.58
CA VAL A 225 0.44 -13.31 3.07
C VAL A 225 0.18 -12.29 1.95
N ILE A 226 0.50 -12.64 0.70
CA ILE A 226 0.33 -11.78 -0.51
C ILE A 226 -1.16 -11.71 -0.87
N ASP A 227 -1.86 -12.85 -0.84
CA ASP A 227 -3.31 -12.97 -1.10
C ASP A 227 -4.09 -12.09 -0.11
N ARG A 228 -3.53 -11.90 1.09
CA ARG A 228 -4.11 -11.09 2.20
C ARG A 228 -4.41 -9.66 1.73
N TRP A 229 -3.72 -9.17 0.69
CA TRP A 229 -3.79 -7.77 0.18
C TRP A 229 -4.73 -7.65 -1.03
N LEU A 230 -5.45 -8.73 -1.39
CA LEU A 230 -6.51 -8.67 -2.42
C LEU A 230 -7.74 -7.95 -1.81
N GLY A 231 -8.41 -7.12 -2.61
CA GLY A 231 -9.59 -6.35 -2.19
C GLY A 231 -9.23 -5.10 -1.40
N GLU A 232 -7.94 -4.91 -1.10
CA GLU A 232 -7.43 -3.73 -0.35
C GLU A 232 -7.11 -2.62 -1.34
N PRO A 233 -7.29 -1.33 -0.96
CA PRO A 233 -7.06 -0.22 -1.87
C PRO A 233 -5.58 0.11 -2.09
N ILE A 234 -4.89 -0.71 -2.88
CA ILE A 234 -3.45 -0.50 -3.26
C ILE A 234 -3.41 0.55 -4.38
N LYS A 235 -2.85 1.73 -4.10
CA LYS A 235 -2.66 2.81 -5.10
C LYS A 235 -1.23 2.79 -5.62
N ALA A 236 -0.25 2.40 -4.78
CA ALA A 236 1.19 2.38 -5.11
C ALA A 236 1.81 1.04 -4.69
N ALA A 237 2.82 0.59 -5.45
CA ALA A 237 3.70 -0.56 -5.12
C ALA A 237 5.15 -0.08 -5.13
N ILE A 238 5.82 -0.13 -3.97
CA ILE A 238 7.20 0.42 -3.76
C ILE A 238 8.21 -0.71 -3.99
N LEU A 239 9.15 -0.51 -4.92
CA LEU A 239 10.20 -1.50 -5.29
C LEU A 239 11.58 -0.93 -4.98
N PRO A 240 12.22 -1.30 -3.84
CA PRO A 240 13.59 -0.88 -3.57
C PRO A 240 14.55 -1.48 -4.61
N THR A 241 15.58 -0.73 -4.99
CA THR A 241 16.60 -1.12 -6.01
C THR A 241 17.31 -2.41 -5.58
N SER A 242 17.33 -2.71 -4.27
CA SER A 242 18.02 -3.87 -3.65
C SER A 242 17.40 -5.20 -4.08
N ILE A 243 16.08 -5.23 -4.36
CA ILE A 243 15.31 -6.49 -4.63
C ILE A 243 15.54 -6.94 -6.08
N PHE A 244 16.18 -6.10 -6.91
CA PHE A 244 16.46 -6.38 -8.34
C PHE A 244 17.72 -7.24 -8.48
N LEU A 245 17.55 -8.48 -8.94
CA LEU A 245 18.64 -9.41 -9.35
C LEU A 245 19.37 -8.80 -10.56
N THR A 246 20.69 -8.92 -10.59
CA THR A 246 21.54 -8.55 -11.76
C THR A 246 21.59 -9.75 -12.71
N ASN A 247 21.61 -9.50 -14.03
CA ASN A 247 21.71 -10.54 -15.08
C ASN A 247 23.10 -10.47 -15.74
N LYS A 248 23.36 -11.36 -16.70
CA LYS A 248 24.65 -11.50 -17.43
C LYS A 248 25.14 -10.15 -17.95
N LYS A 249 24.27 -9.37 -18.62
CA LYS A 249 24.62 -8.10 -19.29
C LYS A 249 24.99 -7.04 -18.25
N GLY A 250 24.21 -6.94 -17.17
CA GLY A 250 24.38 -5.94 -16.10
C GLY A 250 23.07 -5.29 -15.70
N PHE A 251 22.04 -5.38 -16.57
CA PHE A 251 20.67 -4.84 -16.37
C PHE A 251 20.07 -5.36 -15.06
N PRO A 252 19.22 -4.56 -14.37
CA PRO A 252 18.41 -5.08 -13.26
C PRO A 252 17.18 -5.86 -13.79
N VAL A 253 16.87 -6.99 -13.15
CA VAL A 253 15.65 -7.81 -13.43
C VAL A 253 15.06 -8.26 -12.09
N LEU A 254 13.94 -8.98 -12.12
CA LEU A 254 13.24 -9.52 -10.92
C LEU A 254 13.02 -11.02 -11.09
N SER A 255 12.92 -11.76 -9.98
CA SER A 255 12.64 -13.21 -9.94
C SER A 255 11.27 -13.49 -10.56
N LYS A 256 11.05 -14.72 -11.04
CA LYS A 256 9.78 -15.17 -11.68
C LYS A 256 8.60 -14.91 -10.73
N MET A 257 8.80 -15.06 -9.42
CA MET A 257 7.76 -14.88 -8.38
C MET A 257 7.50 -13.38 -8.15
N HIS A 258 8.53 -12.54 -8.27
CA HIS A 258 8.41 -11.06 -8.22
C HIS A 258 7.63 -10.57 -9.45
N GLN A 259 7.93 -11.11 -10.63
CA GLN A 259 7.24 -10.78 -11.91
C GLN A 259 5.74 -11.06 -11.77
N ARG A 260 5.38 -12.26 -11.28
CA ARG A 260 3.98 -12.67 -10.99
C ARG A 260 3.27 -11.56 -10.20
N LEU A 261 3.89 -11.12 -9.10
CA LEU A 261 3.34 -10.08 -8.18
C LEU A 261 3.17 -8.76 -8.96
N ILE A 262 4.14 -8.40 -9.80
CA ILE A 262 4.11 -7.15 -10.62
C ILE A 262 2.95 -7.24 -11.61
N PHE A 263 2.77 -8.40 -12.25
CA PHE A 263 1.69 -8.66 -13.24
C PHE A 263 0.32 -8.49 -12.57
N ARG A 264 0.16 -9.01 -11.35
CA ARG A 264 -1.11 -8.91 -10.57
C ARG A 264 -1.36 -7.43 -10.21
N LEU A 265 -0.32 -6.67 -9.90
CA LEU A 265 -0.40 -5.24 -9.50
C LEU A 265 -0.74 -4.37 -10.73
N LEU A 266 -0.27 -4.75 -11.92
CA LEU A 266 -0.52 -4.02 -13.19
C LEU A 266 -2.01 -4.12 -13.57
N LYS A 267 -2.68 -5.21 -13.19
CA LYS A 267 -4.14 -5.40 -13.37
C LYS A 267 -4.90 -4.43 -12.46
N LEU A 268 -4.40 -4.22 -11.23
CA LEU A 268 -4.95 -3.25 -10.25
C LEU A 268 -4.62 -1.81 -10.67
N GLU A 269 -3.73 -1.64 -11.66
CA GLU A 269 -3.36 -0.33 -12.27
C GLU A 269 -2.73 0.56 -11.20
N VAL A 270 -1.78 0.03 -10.43
CA VAL A 270 -1.08 0.76 -9.34
C VAL A 270 0.02 1.64 -9.97
N GLN A 271 0.47 2.65 -9.24
CA GLN A 271 1.66 3.47 -9.58
C GLN A 271 2.88 2.83 -8.92
N PHE A 272 3.91 2.49 -9.70
CA PHE A 272 5.14 1.82 -9.20
C PHE A 272 6.16 2.88 -8.78
N ILE A 273 6.57 2.84 -7.51
CA ILE A 273 7.58 3.77 -6.91
C ILE A 273 8.91 3.03 -6.80
N ILE A 274 10.01 3.65 -7.23
CA ILE A 274 11.40 3.14 -7.05
C ILE A 274 12.04 3.93 -5.91
N THR A 275 12.35 3.26 -4.80
CA THR A 275 13.06 3.81 -3.62
C THR A 275 14.50 3.25 -3.61
N GLY A 276 15.35 3.77 -2.73
CA GLY A 276 16.77 3.35 -2.59
C GLY A 276 17.64 3.93 -3.69
N THR A 277 18.96 3.80 -3.55
CA THR A 277 19.99 4.34 -4.48
C THR A 277 20.33 3.30 -5.55
N ASN A 278 21.04 3.72 -6.60
CA ASN A 278 21.40 2.89 -7.78
C ASN A 278 22.52 1.91 -7.38
N HIS A 279 22.26 0.61 -7.50
CA HIS A 279 23.23 -0.50 -7.24
C HIS A 279 23.78 -1.04 -8.56
N HIS A 280 23.06 -0.83 -9.67
CA HIS A 280 23.52 -1.09 -11.05
C HIS A 280 24.12 0.19 -11.63
N SER A 281 25.30 0.57 -11.11
CA SER A 281 25.98 1.88 -11.28
C SER A 281 26.36 2.14 -12.75
N GLU A 282 26.61 1.07 -13.52
CA GLU A 282 27.01 1.14 -14.96
C GLU A 282 25.78 1.33 -15.86
N LYS A 283 24.64 1.73 -15.29
CA LYS A 283 23.35 1.94 -16.02
C LYS A 283 22.69 3.24 -15.55
N GLU A 284 21.93 3.88 -16.44
CA GLU A 284 20.99 5.00 -16.13
C GLU A 284 19.86 4.43 -15.25
N PHE A 285 19.16 5.30 -14.50
CA PHE A 285 18.11 4.91 -13.52
C PHE A 285 16.86 4.40 -14.26
N CYS A 286 16.69 4.77 -15.53
CA CYS A 286 15.60 4.29 -16.43
C CYS A 286 15.70 2.76 -16.60
N SER A 287 16.90 2.19 -16.45
CA SER A 287 17.16 0.72 -16.47
C SER A 287 16.12 -0.01 -15.64
N TYR A 288 15.76 0.53 -14.47
CA TYR A 288 14.72 0.00 -13.56
C TYR A 288 13.34 0.20 -14.18
N LEU A 289 13.05 1.40 -14.69
CA LEU A 289 11.76 1.73 -15.38
C LEU A 289 11.66 0.92 -16.67
N GLN A 290 12.75 0.86 -17.45
CA GLN A 290 12.85 0.09 -18.72
C GLN A 290 12.36 -1.34 -18.48
N TYR A 291 12.72 -1.95 -17.36
CA TYR A 291 12.33 -3.33 -16.98
C TYR A 291 10.82 -3.39 -16.69
N LEU A 292 10.31 -2.45 -15.88
CA LEU A 292 8.86 -2.33 -15.57
C LEU A 292 8.08 -2.15 -16.87
N GLU A 293 8.56 -1.26 -17.74
CA GLU A 293 7.97 -0.98 -19.09
C GLU A 293 7.96 -2.27 -19.90
N TYR A 294 9.11 -2.95 -19.99
CA TYR A 294 9.31 -4.25 -20.68
C TYR A 294 8.32 -5.29 -20.12
N LEU A 295 8.20 -5.36 -18.79
CA LEU A 295 7.29 -6.30 -18.08
C LEU A 295 5.84 -6.05 -18.49
N SER A 296 5.34 -4.82 -18.33
CA SER A 296 3.93 -4.42 -18.58
C SER A 296 3.59 -4.54 -20.08
N GLN A 297 4.60 -4.52 -20.95
CA GLN A 297 4.43 -4.66 -22.42
C GLN A 297 4.47 -6.15 -22.81
N ASN A 298 4.84 -7.03 -21.88
CA ASN A 298 4.98 -8.49 -22.10
C ASN A 298 4.05 -9.28 -21.17
N ARG A 299 3.04 -8.63 -20.59
CA ARG A 299 1.91 -9.29 -19.90
C ARG A 299 1.09 -10.02 -20.96
N PRO A 300 0.33 -11.09 -20.61
CA PRO A 300 -0.60 -11.70 -21.56
C PRO A 300 -1.59 -10.63 -22.01
N PRO A 301 -1.94 -10.55 -23.32
CA PRO A 301 -2.90 -9.54 -23.78
C PRO A 301 -4.34 -10.02 -24.01
N PRO A 302 -4.99 -10.66 -23.01
CA PRO A 302 -6.46 -10.79 -23.01
C PRO A 302 -7.17 -9.44 -23.19
N ASN A 303 -8.45 -9.47 -23.61
CA ASN A 303 -9.22 -10.68 -23.84
C ASN A 303 -10.42 -10.35 -24.72
N ALA A 304 -11.25 -11.35 -25.04
CA ALA A 304 -12.63 -11.18 -25.53
C ALA A 304 -13.44 -10.46 -24.45
N TYR A 305 -13.53 -11.06 -23.25
CA TYR A 305 -14.34 -10.60 -22.10
C TYR A 305 -13.73 -9.32 -21.50
N GLU A 306 -12.43 -9.35 -21.21
CA GLU A 306 -11.68 -8.32 -20.43
C GLU A 306 -11.67 -6.98 -21.17
N LEU A 307 -11.35 -6.98 -22.48
CA LEU A 307 -11.23 -5.74 -23.30
C LEU A 307 -12.61 -5.08 -23.46
N PHE A 308 -13.67 -5.88 -23.58
CA PHE A 308 -15.09 -5.42 -23.63
C PHE A 308 -15.52 -4.90 -22.24
N ALA A 309 -14.96 -5.49 -21.17
CA ALA A 309 -15.31 -5.19 -19.76
C ALA A 309 -14.41 -4.08 -19.20
N LYS A 310 -13.44 -3.59 -19.98
CA LYS A 310 -12.46 -2.56 -19.53
C LYS A 310 -13.20 -1.22 -19.36
N GLY A 311 -13.32 -0.76 -18.11
CA GLY A 311 -14.00 0.51 -17.74
C GLY A 311 -15.04 0.28 -16.64
N TYR A 312 -15.56 -0.94 -16.53
CA TYR A 312 -16.69 -1.31 -15.65
C TYR A 312 -16.17 -1.92 -14.33
N GLU A 313 -14.84 -1.95 -14.14
CA GLU A 313 -14.17 -2.66 -13.01
C GLU A 313 -14.56 -2.00 -11.69
N ASP A 314 -15.17 -2.77 -10.78
CA ASP A 314 -15.57 -2.34 -9.40
C ASP A 314 -16.51 -1.13 -9.48
N TYR A 315 -17.17 -0.94 -10.62
CA TYR A 315 -18.17 0.13 -10.85
C TYR A 315 -19.54 -0.44 -10.52
N LEU A 316 -20.16 0.08 -9.46
CA LEU A 316 -21.49 -0.37 -8.97
C LEU A 316 -22.57 0.15 -9.93
N GLN A 317 -23.58 -0.68 -10.21
CA GLN A 317 -24.75 -0.36 -11.08
C GLN A 317 -26.01 -0.96 -10.44
N SER A 318 -27.14 -0.23 -10.51
CA SER A 318 -28.48 -0.77 -10.14
C SER A 318 -28.81 -1.91 -11.10
N PRO A 319 -29.33 -3.07 -10.60
CA PRO A 319 -29.77 -4.13 -11.50
C PRO A 319 -30.97 -3.65 -12.33
N LEU A 320 -30.88 -3.77 -13.66
CA LEU A 320 -31.98 -3.42 -14.61
C LEU A 320 -33.20 -4.28 -14.27
N GLN A 321 -34.39 -3.70 -14.43
CA GLN A 321 -35.70 -4.39 -14.29
C GLN A 321 -36.46 -4.23 -15.60
N PRO A 322 -36.17 -5.08 -16.62
CA PRO A 322 -36.84 -4.99 -17.92
C PRO A 322 -38.37 -5.14 -17.87
N LEU A 323 -38.91 -5.70 -16.77
CA LEU A 323 -40.36 -5.89 -16.54
C LEU A 323 -40.99 -4.58 -16.06
N MET A 324 -40.56 -4.09 -14.89
CA MET A 324 -41.10 -2.88 -14.22
C MET A 324 -40.85 -1.64 -15.09
N ASP A 325 -39.67 -1.56 -15.71
CA ASP A 325 -39.22 -0.41 -16.56
C ASP A 325 -39.14 -0.87 -18.02
N ASN A 326 -39.40 0.04 -18.96
CA ASN A 326 -39.16 -0.17 -20.41
C ASN A 326 -37.69 0.14 -20.70
N LEU A 327 -36.94 -0.84 -21.22
CA LEU A 327 -35.50 -0.68 -21.56
C LEU A 327 -35.36 0.34 -22.70
N GLU A 328 -34.29 1.12 -22.68
CA GLU A 328 -34.00 2.19 -23.67
C GLU A 328 -33.48 1.53 -24.96
N SER A 329 -33.48 2.27 -26.06
CA SER A 329 -33.11 1.78 -27.41
C SER A 329 -31.64 1.34 -27.42
N GLN A 330 -30.74 2.18 -26.90
CA GLN A 330 -29.27 1.92 -26.87
C GLN A 330 -28.95 0.72 -25.95
N THR A 331 -29.74 0.51 -24.90
CA THR A 331 -29.61 -0.66 -23.98
C THR A 331 -29.78 -1.95 -24.79
N TYR A 332 -30.89 -2.08 -25.52
CA TYR A 332 -31.14 -3.20 -26.45
C TYR A 332 -29.94 -3.33 -27.40
N GLU A 333 -29.58 -2.25 -28.09
CA GLU A 333 -28.55 -2.23 -29.18
C GLU A 333 -27.29 -3.01 -28.76
N VAL A 334 -26.79 -2.78 -27.54
CA VAL A 334 -25.46 -3.29 -27.09
C VAL A 334 -25.55 -4.76 -26.70
N PHE A 335 -26.75 -5.33 -26.57
CA PHE A 335 -26.97 -6.71 -26.05
C PHE A 335 -27.59 -7.62 -27.11
N GLU A 336 -27.66 -7.16 -28.37
CA GLU A 336 -28.03 -8.01 -29.54
C GLU A 336 -26.77 -8.33 -30.35
N LYS A 337 -25.61 -7.92 -29.86
CA LYS A 337 -24.29 -8.05 -30.55
C LYS A 337 -23.41 -9.06 -29.80
N ASP A 338 -24.00 -9.92 -28.96
CA ASP A 338 -23.28 -10.99 -28.21
C ASP A 338 -23.42 -12.29 -28.99
N PRO A 339 -22.49 -12.60 -29.92
CA PRO A 339 -22.69 -13.70 -30.87
C PRO A 339 -22.70 -15.08 -30.19
N ILE A 340 -22.00 -15.22 -29.06
CA ILE A 340 -21.90 -16.48 -28.27
C ILE A 340 -23.31 -16.81 -27.76
N LYS A 341 -23.96 -15.85 -27.13
CA LYS A 341 -25.30 -16.02 -26.49
C LYS A 341 -26.33 -16.51 -27.51
N TYR A 342 -26.33 -15.93 -28.72
CA TYR A 342 -27.32 -16.17 -29.79
C TYR A 342 -26.90 -17.36 -30.64
N SER A 343 -25.59 -17.63 -30.75
CA SER A 343 -25.05 -18.91 -31.28
C SER A 343 -25.67 -20.06 -30.49
N GLN A 344 -25.65 -19.93 -29.16
CA GLN A 344 -26.17 -20.95 -28.20
C GLN A 344 -27.69 -21.04 -28.29
N TYR A 345 -28.38 -19.89 -28.38
CA TYR A 345 -29.87 -19.83 -28.53
C TYR A 345 -30.29 -20.42 -29.89
N GLN A 346 -29.51 -20.14 -30.95
CA GLN A 346 -29.76 -20.69 -32.31
C GLN A 346 -29.65 -22.22 -32.25
N GLN A 347 -28.50 -22.73 -31.77
CA GLN A 347 -28.22 -24.19 -31.67
C GLN A 347 -29.28 -24.87 -30.78
N ALA A 348 -29.69 -24.22 -29.68
CA ALA A 348 -30.72 -24.72 -28.73
C ALA A 348 -32.03 -24.99 -29.49
N ILE A 349 -32.46 -24.04 -30.33
CA ILE A 349 -33.67 -24.15 -31.19
C ILE A 349 -33.40 -25.21 -32.28
N TYR A 350 -32.25 -25.10 -32.95
CA TYR A 350 -31.75 -26.03 -34.00
C TYR A 350 -32.05 -27.48 -33.60
N LYS A 351 -31.62 -27.87 -32.39
CA LYS A 351 -31.67 -29.26 -31.89
C LYS A 351 -33.09 -29.63 -31.45
N CYS A 352 -33.83 -28.68 -30.86
CA CYS A 352 -35.22 -28.88 -30.38
C CYS A 352 -36.15 -29.17 -31.57
N LEU A 353 -35.98 -28.44 -32.68
CA LEU A 353 -36.78 -28.62 -33.93
C LEU A 353 -36.60 -30.04 -34.45
N LEU A 354 -35.37 -30.55 -34.47
CA LEU A 354 -35.02 -31.91 -34.97
C LEU A 354 -35.66 -32.97 -34.05
N ASP A 355 -35.50 -32.82 -32.73
CA ASP A 355 -35.96 -33.79 -31.70
C ASP A 355 -37.50 -33.88 -31.72
N ARG A 356 -38.20 -32.78 -32.00
CA ARG A 356 -39.68 -32.67 -31.90
C ARG A 356 -40.35 -33.27 -33.14
N VAL A 357 -40.03 -32.75 -34.34
CA VAL A 357 -40.68 -33.17 -35.62
C VAL A 357 -39.69 -33.97 -36.46
N PRO A 358 -39.99 -35.26 -36.78
CA PRO A 358 -39.13 -36.09 -37.63
C PRO A 358 -38.87 -35.55 -39.05
N GLU A 359 -37.97 -36.21 -39.77
CA GLU A 359 -37.47 -35.85 -41.12
C GLU A 359 -38.61 -35.96 -42.14
N GLU A 360 -39.31 -37.10 -42.16
CA GLU A 360 -40.42 -37.39 -43.12
C GLU A 360 -41.61 -36.44 -42.87
N GLU A 361 -41.65 -35.77 -41.72
CA GLU A 361 -42.75 -34.84 -41.32
C GLU A 361 -42.33 -33.38 -41.54
N LYS A 362 -41.19 -33.12 -42.20
CA LYS A 362 -40.54 -31.77 -42.22
C LYS A 362 -41.44 -30.75 -42.92
N ASP A 363 -42.08 -31.13 -44.03
CA ASP A 363 -42.90 -30.21 -44.88
C ASP A 363 -44.33 -30.16 -44.36
N THR A 364 -44.82 -31.26 -43.76
CA THR A 364 -46.21 -31.36 -43.20
C THR A 364 -46.29 -30.62 -41.85
N ASN A 365 -45.27 -30.80 -40.98
CA ASN A 365 -45.28 -30.30 -39.58
C ASN A 365 -44.62 -28.91 -39.52
N VAL A 366 -45.41 -27.89 -39.16
CA VAL A 366 -44.94 -26.50 -38.85
C VAL A 366 -45.06 -26.30 -37.33
N GLN A 367 -43.98 -25.84 -36.69
CA GLN A 367 -43.86 -25.71 -35.22
C GLN A 367 -44.20 -24.28 -34.79
N VAL A 368 -45.29 -24.10 -34.04
CA VAL A 368 -45.71 -22.78 -33.47
C VAL A 368 -44.69 -22.40 -32.38
N LEU A 369 -43.86 -21.42 -32.69
CA LEU A 369 -42.68 -20.98 -31.90
C LEU A 369 -42.92 -19.55 -31.39
N MET A 370 -42.80 -19.32 -30.08
CA MET A 370 -43.18 -18.03 -29.43
C MET A 370 -41.98 -17.44 -28.68
N VAL A 371 -41.51 -16.27 -29.11
CA VAL A 371 -40.46 -15.46 -28.43
C VAL A 371 -41.15 -14.52 -27.43
N LEU A 372 -41.03 -14.80 -26.13
CA LEU A 372 -41.71 -14.04 -25.05
C LEU A 372 -40.74 -12.99 -24.48
N GLY A 373 -40.86 -11.74 -24.93
CA GLY A 373 -39.88 -10.67 -24.68
C GLY A 373 -38.89 -10.58 -25.82
N ALA A 374 -39.35 -10.12 -27.00
CA ALA A 374 -38.64 -10.16 -28.29
C ALA A 374 -37.82 -8.88 -28.50
N GLY A 375 -38.09 -7.83 -27.71
CA GLY A 375 -37.45 -6.50 -27.83
C GLY A 375 -37.34 -6.05 -29.27
N ARG A 376 -36.12 -6.00 -29.83
CA ARG A 376 -35.84 -5.60 -31.23
C ARG A 376 -35.62 -6.84 -32.11
N GLY A 377 -35.87 -8.03 -31.56
CA GLY A 377 -36.01 -9.31 -32.29
C GLY A 377 -34.69 -9.96 -32.69
N PRO A 378 -33.67 -10.06 -31.82
CA PRO A 378 -32.48 -10.87 -32.10
C PRO A 378 -32.72 -12.36 -31.86
N LEU A 379 -33.74 -12.70 -31.08
CA LEU A 379 -34.16 -14.10 -30.77
C LEU A 379 -35.12 -14.58 -31.86
N VAL A 380 -35.97 -13.68 -32.39
CA VAL A 380 -36.84 -13.93 -33.56
C VAL A 380 -35.94 -14.31 -34.75
N ASN A 381 -34.86 -13.55 -34.96
CA ASN A 381 -33.87 -13.78 -36.04
C ASN A 381 -33.16 -15.11 -35.80
N ALA A 382 -32.77 -15.38 -34.55
CA ALA A 382 -32.11 -16.64 -34.11
C ALA A 382 -33.03 -17.82 -34.41
N SER A 383 -34.34 -17.68 -34.17
CA SER A 383 -35.37 -18.71 -34.40
C SER A 383 -35.51 -19.00 -35.90
N LEU A 384 -35.36 -17.98 -36.75
CA LEU A 384 -35.44 -18.10 -38.24
C LEU A 384 -34.21 -18.84 -38.77
N ARG A 385 -33.01 -18.43 -38.34
CA ARG A 385 -31.72 -19.04 -38.77
C ARG A 385 -31.71 -20.53 -38.41
N ALA A 386 -32.12 -20.85 -37.17
CA ALA A 386 -32.20 -22.23 -36.62
C ALA A 386 -33.14 -23.08 -37.46
N ALA A 387 -34.26 -22.49 -37.91
CA ALA A 387 -35.34 -23.17 -38.67
C ALA A 387 -34.83 -23.64 -40.03
N LYS A 388 -34.18 -22.76 -40.80
CA LYS A 388 -33.69 -23.08 -42.18
C LYS A 388 -32.20 -23.48 -42.12
N GLN A 389 -31.67 -23.77 -40.93
CA GLN A 389 -30.39 -24.52 -40.74
C GLN A 389 -30.75 -25.99 -40.46
N ALA A 390 -31.77 -26.23 -39.64
CA ALA A 390 -32.35 -27.56 -39.34
C ALA A 390 -33.29 -28.00 -40.48
N ASP A 391 -33.73 -27.06 -41.32
CA ASP A 391 -34.63 -27.30 -42.48
C ASP A 391 -35.98 -27.81 -41.95
N ARG A 392 -36.66 -26.99 -41.14
CA ARG A 392 -38.02 -27.26 -40.59
C ARG A 392 -38.84 -25.96 -40.66
N ARG A 393 -40.15 -26.07 -40.91
CA ARG A 393 -41.08 -24.91 -40.99
C ARG A 393 -41.50 -24.52 -39.57
N ILE A 394 -41.60 -23.21 -39.31
CA ILE A 394 -41.98 -22.64 -37.98
C ILE A 394 -42.97 -21.49 -38.18
N LYS A 395 -43.90 -21.32 -37.24
CA LYS A 395 -44.81 -20.15 -37.14
C LYS A 395 -44.38 -19.34 -35.91
N LEU A 396 -43.96 -18.09 -36.12
CA LEU A 396 -43.36 -17.23 -35.06
C LEU A 396 -44.42 -16.29 -34.46
N TYR A 397 -44.40 -16.15 -33.14
CA TYR A 397 -45.04 -15.05 -32.38
C TYR A 397 -43.94 -14.30 -31.63
N ALA A 398 -43.92 -12.97 -31.73
CA ALA A 398 -42.97 -12.07 -31.04
C ALA A 398 -43.73 -11.24 -30.01
N VAL A 399 -43.99 -11.83 -28.84
CA VAL A 399 -44.68 -11.17 -27.69
C VAL A 399 -43.69 -10.18 -27.06
N GLU A 400 -44.08 -8.90 -26.95
CA GLU A 400 -43.24 -7.82 -26.34
C GLU A 400 -44.14 -6.81 -25.62
N LYS A 401 -43.86 -6.56 -24.34
CA LYS A 401 -44.65 -5.65 -23.47
C LYS A 401 -44.19 -4.20 -23.63
N ASN A 402 -42.92 -3.99 -23.99
CA ASN A 402 -42.31 -2.65 -24.19
C ASN A 402 -42.85 -2.08 -25.49
N PRO A 403 -43.75 -1.07 -25.46
CA PRO A 403 -44.41 -0.58 -26.67
C PRO A 403 -43.43 0.15 -27.61
N ASN A 404 -42.35 0.71 -27.05
CA ASN A 404 -41.28 1.41 -27.81
C ASN A 404 -40.54 0.39 -28.69
N ALA A 405 -40.30 -0.81 -28.15
CA ALA A 405 -39.63 -1.95 -28.82
C ALA A 405 -40.55 -2.54 -29.89
N VAL A 406 -41.86 -2.60 -29.60
CA VAL A 406 -42.92 -3.11 -30.53
C VAL A 406 -42.88 -2.33 -31.84
N VAL A 407 -42.55 -1.03 -31.78
CA VAL A 407 -42.43 -0.15 -32.98
C VAL A 407 -41.34 -0.72 -33.89
N THR A 408 -40.20 -1.13 -33.30
CA THR A 408 -39.02 -1.69 -34.01
C THR A 408 -39.42 -3.00 -34.70
N LEU A 409 -40.19 -3.85 -34.00
CA LEU A 409 -40.64 -5.19 -34.48
C LEU A 409 -41.61 -5.04 -35.66
N GLU A 410 -42.66 -4.23 -35.48
CA GLU A 410 -43.75 -4.02 -36.48
C GLU A 410 -43.15 -3.40 -37.75
N ASN A 411 -42.19 -2.50 -37.61
CA ASN A 411 -41.40 -1.93 -38.74
C ASN A 411 -40.65 -3.07 -39.44
N TRP A 412 -40.00 -3.94 -38.65
CA TRP A 412 -39.19 -5.09 -39.13
C TRP A 412 -40.12 -6.19 -39.68
N GLN A 413 -41.30 -6.38 -39.08
CA GLN A 413 -42.32 -7.38 -39.49
C GLN A 413 -42.84 -7.00 -40.89
N PHE A 414 -43.24 -5.74 -41.07
CA PHE A 414 -43.77 -5.20 -42.35
C PHE A 414 -42.68 -5.27 -43.43
N GLU A 415 -41.47 -4.81 -43.11
CA GLU A 415 -40.34 -4.65 -44.06
C GLU A 415 -39.77 -6.01 -44.47
N GLU A 416 -39.45 -6.88 -43.49
CA GLU A 416 -38.56 -8.05 -43.69
C GLU A 416 -39.30 -9.37 -43.46
N TRP A 417 -39.69 -9.68 -42.22
CA TRP A 417 -40.19 -11.01 -41.77
C TRP A 417 -41.40 -11.42 -42.60
N GLY A 418 -42.49 -10.66 -42.52
CA GLY A 418 -43.80 -10.99 -43.12
C GLY A 418 -44.74 -11.61 -42.10
N SER A 419 -45.72 -12.37 -42.56
CA SER A 419 -46.80 -12.97 -41.73
C SER A 419 -46.31 -14.21 -40.99
N GLN A 420 -45.09 -14.68 -41.25
CA GLN A 420 -44.44 -15.77 -40.49
C GLN A 420 -44.39 -15.35 -39.01
N VAL A 421 -43.96 -14.11 -38.74
CA VAL A 421 -43.93 -13.50 -37.38
C VAL A 421 -45.21 -12.67 -37.18
N THR A 422 -46.03 -13.07 -36.20
CA THR A 422 -47.11 -12.23 -35.62
C THR A 422 -46.53 -11.46 -34.43
N VAL A 423 -46.33 -10.15 -34.57
CA VAL A 423 -45.84 -9.27 -33.47
C VAL A 423 -47.02 -9.01 -32.52
N VAL A 424 -46.92 -9.49 -31.28
CA VAL A 424 -47.94 -9.30 -30.21
C VAL A 424 -47.41 -8.22 -29.25
N SER A 425 -48.18 -7.14 -29.09
CA SER A 425 -47.88 -5.98 -28.20
C SER A 425 -48.59 -6.18 -26.86
N SER A 426 -48.13 -7.13 -26.05
CA SER A 426 -48.80 -7.58 -24.80
C SER A 426 -47.77 -8.08 -23.76
N ASP A 427 -48.22 -8.18 -22.51
CA ASP A 427 -47.53 -8.91 -21.42
C ASP A 427 -47.87 -10.39 -21.56
N MET A 428 -46.88 -11.28 -21.41
CA MET A 428 -47.03 -12.74 -21.66
C MET A 428 -47.92 -13.37 -20.58
N ARG A 429 -48.01 -12.76 -19.39
CA ARG A 429 -48.90 -13.22 -18.28
C ARG A 429 -50.36 -12.92 -18.62
N GLU A 430 -50.62 -11.92 -19.49
CA GLU A 430 -51.98 -11.42 -19.83
C GLU A 430 -52.43 -12.02 -21.17
N TRP A 431 -51.56 -12.01 -22.18
CA TRP A 431 -51.87 -12.39 -23.59
C TRP A 431 -52.70 -13.68 -23.64
N VAL A 432 -53.93 -13.59 -24.16
CA VAL A 432 -54.80 -14.75 -24.48
C VAL A 432 -54.46 -15.18 -25.92
N ALA A 433 -53.80 -16.33 -26.07
CA ALA A 433 -53.17 -16.78 -27.33
C ALA A 433 -54.20 -17.42 -28.25
N PRO A 434 -54.01 -17.35 -29.59
CA PRO A 434 -54.90 -18.03 -30.53
C PRO A 434 -54.73 -19.55 -30.49
N GLU A 435 -53.49 -20.02 -30.37
CA GLU A 435 -53.09 -21.46 -30.36
C GLU A 435 -52.00 -21.67 -29.31
N LYS A 436 -51.85 -22.90 -28.81
CA LYS A 436 -50.80 -23.28 -27.83
C LYS A 436 -49.47 -23.41 -28.58
N ALA A 437 -48.34 -23.30 -27.86
CA ALA A 437 -46.97 -23.20 -28.42
C ALA A 437 -46.27 -24.57 -28.34
N ASP A 438 -45.46 -24.88 -29.36
CA ASP A 438 -44.57 -26.08 -29.40
C ASP A 438 -43.31 -25.77 -28.59
N ILE A 439 -42.71 -24.60 -28.81
CA ILE A 439 -41.54 -24.06 -28.06
C ILE A 439 -41.84 -22.62 -27.63
N ILE A 440 -41.72 -22.32 -26.34
CA ILE A 440 -41.65 -20.92 -25.81
C ILE A 440 -40.16 -20.59 -25.61
N VAL A 441 -39.65 -19.60 -26.34
CA VAL A 441 -38.23 -19.15 -26.29
C VAL A 441 -38.18 -17.79 -25.59
N SER A 442 -37.37 -17.66 -24.53
CA SER A 442 -37.30 -16.47 -23.65
C SER A 442 -35.84 -16.11 -23.34
N GLU A 443 -35.63 -14.92 -22.78
CA GLU A 443 -34.33 -14.20 -22.65
C GLU A 443 -34.34 -13.36 -21.37
N LEU A 444 -35.08 -13.79 -20.36
CA LEU A 444 -35.50 -12.96 -19.19
C LEU A 444 -34.55 -13.14 -18.01
N LEU A 445 -33.38 -13.74 -18.23
CA LEU A 445 -32.40 -14.03 -17.14
C LEU A 445 -31.61 -12.76 -16.82
N GLY A 446 -31.22 -12.60 -15.55
CA GLY A 446 -30.31 -11.55 -15.08
C GLY A 446 -28.99 -12.15 -14.60
N SER A 447 -28.17 -11.34 -13.93
CA SER A 447 -26.83 -11.72 -13.41
C SER A 447 -26.97 -12.82 -12.35
N PHE A 448 -28.10 -12.87 -11.65
CA PHE A 448 -28.38 -13.85 -10.57
C PHE A 448 -29.50 -14.81 -11.00
N ALA A 449 -29.54 -15.15 -12.29
CA ALA A 449 -30.54 -16.02 -12.95
C ALA A 449 -31.92 -15.37 -12.91
N ASP A 450 -32.57 -15.38 -11.74
CA ASP A 450 -34.02 -15.11 -11.58
C ASP A 450 -34.31 -13.67 -11.13
N ASN A 451 -33.29 -12.80 -11.07
CA ASN A 451 -33.40 -11.44 -10.48
C ASN A 451 -34.18 -10.49 -11.41
N GLU A 452 -34.30 -10.84 -12.70
CA GLU A 452 -35.16 -10.10 -13.67
C GLU A 452 -36.52 -10.78 -13.80
N LEU A 453 -36.85 -11.72 -12.89
CA LEU A 453 -38.20 -12.32 -12.68
C LEU A 453 -38.63 -13.15 -13.89
N SER A 454 -37.72 -13.96 -14.45
CA SER A 454 -38.01 -14.97 -15.49
C SER A 454 -39.04 -15.99 -14.98
N PRO A 455 -38.91 -16.51 -13.74
CA PRO A 455 -39.88 -17.48 -13.21
C PRO A 455 -41.34 -17.01 -13.27
N GLU A 456 -41.64 -15.82 -12.74
CA GLU A 456 -43.01 -15.25 -12.63
C GLU A 456 -43.59 -15.04 -14.04
N CYS A 457 -42.78 -14.52 -14.96
CA CYS A 457 -43.18 -14.19 -16.37
C CYS A 457 -43.59 -15.48 -17.10
N LEU A 458 -42.73 -16.50 -17.08
CA LEU A 458 -42.95 -17.78 -17.82
C LEU A 458 -44.08 -18.59 -17.17
N ASP A 459 -44.22 -18.53 -15.84
CA ASP A 459 -45.34 -19.14 -15.07
C ASP A 459 -46.67 -18.63 -15.63
N GLY A 460 -46.79 -17.31 -15.83
CA GLY A 460 -47.99 -16.65 -16.37
C GLY A 460 -48.22 -16.93 -17.84
N ALA A 461 -47.17 -17.38 -18.55
CA ALA A 461 -47.18 -17.69 -20.00
C ALA A 461 -47.26 -19.21 -20.22
N GLN A 462 -47.26 -19.99 -19.14
CA GLN A 462 -47.12 -21.48 -19.18
C GLN A 462 -48.40 -22.11 -19.74
N HIS A 463 -49.56 -21.54 -19.43
CA HIS A 463 -50.90 -22.09 -19.76
C HIS A 463 -51.09 -22.27 -21.27
N PHE A 464 -50.42 -21.45 -22.09
CA PHE A 464 -50.52 -21.52 -23.58
C PHE A 464 -49.31 -22.27 -24.17
N LEU A 465 -48.59 -23.04 -23.34
CA LEU A 465 -47.59 -24.05 -23.80
C LEU A 465 -48.30 -25.40 -23.96
N LYS A 466 -48.06 -26.07 -25.09
CA LYS A 466 -48.66 -27.40 -25.40
C LYS A 466 -48.24 -28.40 -24.30
N ASP A 467 -49.08 -29.40 -24.03
CA ASP A 467 -48.89 -30.39 -22.92
C ASP A 467 -47.51 -31.05 -23.05
N ASP A 468 -47.02 -31.23 -24.28
CA ASP A 468 -45.68 -31.84 -24.58
C ASP A 468 -44.71 -30.74 -25.01
N GLY A 469 -44.93 -29.50 -24.56
CA GLY A 469 -44.19 -28.30 -25.02
C GLY A 469 -42.83 -28.19 -24.34
N VAL A 470 -41.85 -27.63 -25.05
CA VAL A 470 -40.48 -27.32 -24.54
C VAL A 470 -40.44 -25.83 -24.18
N SER A 471 -39.69 -25.48 -23.13
CA SER A 471 -39.28 -24.09 -22.79
C SER A 471 -37.77 -23.96 -23.00
N ILE A 472 -37.34 -22.93 -23.73
CA ILE A 472 -35.92 -22.52 -23.90
C ILE A 472 -35.78 -21.14 -23.27
N PRO A 473 -35.13 -20.99 -22.08
CA PRO A 473 -34.43 -22.09 -21.43
C PRO A 473 -35.34 -23.03 -20.63
N GLY A 474 -34.92 -24.28 -20.45
CA GLY A 474 -35.61 -25.30 -19.65
C GLY A 474 -35.28 -25.16 -18.18
N GLU A 475 -34.05 -24.74 -17.87
CA GLU A 475 -33.52 -24.68 -16.48
C GLU A 475 -32.54 -23.52 -16.34
N TYR A 476 -32.50 -22.90 -15.16
CA TYR A 476 -31.44 -21.95 -14.73
C TYR A 476 -31.22 -22.08 -13.22
N THR A 477 -29.97 -21.86 -12.80
CA THR A 477 -29.49 -22.00 -11.40
C THR A 477 -28.60 -20.80 -11.05
N SER A 478 -28.87 -20.15 -9.92
CA SER A 478 -28.05 -19.05 -9.35
C SER A 478 -26.95 -19.63 -8.45
N PHE A 479 -25.77 -19.02 -8.48
CA PHE A 479 -24.59 -19.40 -7.65
C PHE A 479 -24.19 -18.21 -6.77
N LEU A 480 -23.74 -18.48 -5.54
CA LEU A 480 -23.18 -17.49 -4.59
C LEU A 480 -21.76 -17.90 -4.20
N ALA A 481 -20.92 -16.92 -3.89
CA ALA A 481 -19.54 -17.10 -3.38
C ALA A 481 -19.20 -15.95 -2.44
N PRO A 482 -18.72 -16.23 -1.21
CA PRO A 482 -18.32 -15.15 -0.30
C PRO A 482 -17.07 -14.46 -0.87
N ILE A 483 -16.99 -13.14 -0.73
CA ILE A 483 -15.85 -12.32 -1.25
C ILE A 483 -15.33 -11.39 -0.15
N SER A 484 -14.08 -10.95 -0.30
CA SER A 484 -13.42 -9.89 0.50
C SER A 484 -12.98 -8.76 -0.44
N SER A 485 -13.57 -7.58 -0.28
CA SER A 485 -13.15 -6.33 -0.96
C SER A 485 -13.54 -5.13 -0.08
N SER A 486 -12.60 -4.64 0.73
CA SER A 486 -12.70 -3.37 1.48
C SER A 486 -12.94 -2.22 0.49
N LYS A 487 -12.36 -2.33 -0.73
CA LYS A 487 -12.55 -1.40 -1.86
C LYS A 487 -14.04 -1.33 -2.23
N LEU A 488 -14.67 -2.47 -2.52
CA LEU A 488 -16.10 -2.57 -2.94
C LEU A 488 -17.01 -2.24 -1.76
N TYR A 489 -16.58 -2.53 -0.52
CA TYR A 489 -17.33 -2.19 0.72
C TYR A 489 -17.42 -0.66 0.85
N ASN A 490 -16.32 0.04 0.57
CA ASN A 490 -16.24 1.53 0.54
C ASN A 490 -17.24 2.06 -0.50
N GLU A 491 -17.26 1.49 -1.71
CA GLU A 491 -18.08 1.93 -2.86
C GLU A 491 -19.57 1.88 -2.48
N VAL A 492 -19.99 0.78 -1.83
CA VAL A 492 -21.39 0.58 -1.34
C VAL A 492 -21.70 1.63 -0.27
N ARG A 493 -20.80 1.79 0.71
CA ARG A 493 -20.95 2.72 1.86
C ARG A 493 -21.12 4.15 1.36
N ALA A 494 -20.52 4.47 0.20
CA ALA A 494 -20.54 5.81 -0.43
C ALA A 494 -21.87 6.06 -1.16
N CYS A 495 -22.76 5.06 -1.24
CA CYS A 495 -24.05 5.13 -1.96
C CYS A 495 -25.19 5.55 -1.02
N ARG A 496 -24.87 6.10 0.17
CA ARG A 496 -25.89 6.67 1.08
C ARG A 496 -26.53 7.89 0.40
N GLU A 497 -27.86 7.91 0.33
CA GLU A 497 -28.67 8.98 -0.30
C GLU A 497 -29.58 9.61 0.77
N LYS A 498 -29.86 10.91 0.64
CA LYS A 498 -30.83 11.66 1.48
C LYS A 498 -32.23 11.05 1.26
N ASP A 499 -33.10 11.18 2.27
CA ASP A 499 -34.55 10.85 2.20
C ASP A 499 -34.75 9.34 2.05
N ARG A 500 -33.88 8.53 2.67
CA ARG A 500 -34.06 7.05 2.78
C ARG A 500 -33.20 6.53 3.93
N ASP A 501 -33.38 5.25 4.28
CA ASP A 501 -32.58 4.55 5.33
C ASP A 501 -31.11 4.87 5.10
N PRO A 502 -30.36 5.31 6.14
CA PRO A 502 -28.91 5.53 6.02
C PRO A 502 -28.11 4.31 5.56
N GLU A 503 -28.63 3.09 5.80
CA GLU A 503 -27.96 1.81 5.51
C GLU A 503 -28.66 1.07 4.36
N ALA A 504 -29.61 1.72 3.67
CA ALA A 504 -30.38 1.15 2.53
C ALA A 504 -29.42 0.59 1.48
N GLN A 505 -28.30 1.27 1.25
CA GLN A 505 -27.30 0.93 0.20
C GLN A 505 -26.72 -0.48 0.43
N PHE A 506 -26.69 -0.95 1.69
CA PHE A 506 -26.13 -2.27 2.06
C PHE A 506 -27.18 -3.37 1.84
N GLU A 507 -28.46 -3.01 1.84
CA GLU A 507 -29.61 -3.96 1.78
C GLU A 507 -30.15 -4.06 0.35
N MET A 508 -29.28 -3.96 -0.66
CA MET A 508 -29.68 -4.11 -2.09
C MET A 508 -28.52 -4.64 -2.90
N PRO A 509 -28.78 -5.50 -3.92
CA PRO A 509 -27.70 -6.03 -4.76
C PRO A 509 -27.28 -5.04 -5.85
N TYR A 510 -26.00 -5.06 -6.22
CA TYR A 510 -25.42 -4.24 -7.33
C TYR A 510 -24.85 -5.17 -8.39
N VAL A 511 -25.11 -4.88 -9.67
CA VAL A 511 -24.35 -5.46 -10.83
C VAL A 511 -23.01 -4.74 -10.88
N VAL A 512 -21.91 -5.50 -10.97
CA VAL A 512 -20.52 -4.96 -10.90
C VAL A 512 -19.56 -6.01 -11.46
N ARG A 513 -18.64 -5.60 -12.34
CA ARG A 513 -17.50 -6.45 -12.77
C ARG A 513 -16.48 -6.46 -11.62
N LEU A 514 -16.72 -7.33 -10.64
CA LEU A 514 -15.86 -7.50 -9.43
C LEU A 514 -14.41 -7.67 -9.90
N HIS A 515 -13.51 -6.77 -9.49
CA HIS A 515 -12.12 -6.69 -10.00
C HIS A 515 -11.12 -6.79 -8.84
N ASN A 516 -10.99 -5.74 -8.03
CA ASN A 516 -10.15 -5.75 -6.80
C ASN A 516 -10.98 -6.40 -5.69
N PHE A 517 -10.95 -7.73 -5.62
CA PHE A 517 -11.69 -8.57 -4.63
C PHE A 517 -10.98 -9.91 -4.45
N HIS A 518 -11.42 -10.68 -3.45
CA HIS A 518 -10.87 -12.02 -3.10
C HIS A 518 -12.05 -12.99 -2.90
N GLN A 519 -12.18 -13.99 -3.77
CA GLN A 519 -13.19 -15.08 -3.65
C GLN A 519 -12.71 -16.03 -2.54
N LEU A 520 -13.51 -16.16 -1.47
CA LEU A 520 -13.11 -16.82 -0.20
C LEU A 520 -13.54 -18.29 -0.18
N SER A 521 -14.31 -18.73 -1.18
CA SER A 521 -14.78 -20.14 -1.32
C SER A 521 -15.24 -20.39 -2.76
N ALA A 522 -15.32 -21.66 -3.16
CA ALA A 522 -15.81 -22.08 -4.51
C ALA A 522 -17.30 -21.76 -4.60
N PRO A 523 -17.77 -21.13 -5.71
CA PRO A 523 -19.19 -20.85 -5.87
C PRO A 523 -20.05 -22.12 -5.70
N GLN A 524 -21.17 -22.00 -4.96
CA GLN A 524 -22.14 -23.08 -4.70
C GLN A 524 -23.52 -22.64 -5.19
N PRO A 525 -24.39 -23.58 -5.61
CA PRO A 525 -25.72 -23.23 -6.14
C PRO A 525 -26.66 -22.75 -5.04
N CYS A 526 -27.46 -21.72 -5.34
CA CYS A 526 -28.42 -21.05 -4.42
C CYS A 526 -29.85 -21.46 -4.76
N PHE A 527 -30.40 -20.94 -5.87
CA PHE A 527 -31.80 -21.17 -6.32
C PHE A 527 -31.80 -21.73 -7.75
N THR A 528 -32.66 -22.72 -8.00
CA THR A 528 -32.90 -23.34 -9.33
C THR A 528 -34.37 -23.17 -9.70
N PHE A 529 -34.66 -23.03 -11.00
CA PHE A 529 -36.03 -22.99 -11.57
C PHE A 529 -36.04 -23.80 -12.87
N SER A 530 -37.13 -24.57 -13.08
CA SER A 530 -37.38 -25.40 -14.28
C SER A 530 -38.63 -24.87 -15.00
N HIS A 531 -38.67 -24.99 -16.33
CA HIS A 531 -39.80 -24.57 -17.20
C HIS A 531 -39.99 -25.59 -18.32
N PRO A 532 -41.21 -26.11 -18.55
CA PRO A 532 -42.38 -25.79 -17.74
C PRO A 532 -42.31 -26.34 -16.31
N ASN A 533 -42.90 -25.62 -15.36
CA ASN A 533 -42.97 -26.02 -13.92
C ASN A 533 -44.13 -27.02 -13.73
N ARG A 534 -43.88 -28.30 -14.03
CA ARG A 534 -44.87 -29.41 -13.88
C ARG A 534 -44.99 -29.75 -12.39
N ASP A 535 -45.53 -28.81 -11.61
CA ASP A 535 -45.72 -29.03 -10.15
C ASP A 535 -46.96 -28.25 -9.69
N ASP A 539 -44.17 -23.19 -5.05
CA ASP A 539 -44.26 -21.78 -5.52
C ASP A 539 -42.84 -21.31 -5.91
N ASN A 540 -42.66 -20.00 -6.14
CA ASN A 540 -41.38 -19.41 -6.61
C ASN A 540 -40.61 -18.77 -5.43
N ASN A 541 -41.19 -18.76 -4.23
CA ASN A 541 -40.49 -18.37 -2.98
C ASN A 541 -39.51 -19.48 -2.59
N ARG A 542 -38.33 -19.11 -2.07
CA ARG A 542 -37.21 -20.06 -1.78
C ARG A 542 -36.54 -19.67 -0.47
N TYR A 543 -35.88 -20.65 0.17
CA TYR A 543 -35.00 -20.50 1.36
C TYR A 543 -33.86 -21.51 1.22
N CYS A 544 -32.62 -21.02 1.17
CA CYS A 544 -31.39 -21.83 0.92
C CYS A 544 -30.31 -21.44 1.94
N THR A 545 -29.79 -22.42 2.67
CA THR A 545 -28.63 -22.30 3.59
C THR A 545 -27.39 -22.85 2.88
N LEU A 546 -26.30 -22.09 2.85
CA LEU A 546 -25.00 -22.51 2.27
C LEU A 546 -23.92 -22.48 3.34
N GLU A 547 -22.99 -23.44 3.30
CA GLU A 547 -21.79 -23.52 4.18
C GLU A 547 -20.55 -23.44 3.29
N PHE A 548 -19.76 -22.38 3.43
CA PHE A 548 -18.57 -22.05 2.60
C PHE A 548 -17.30 -22.28 3.42
N PRO A 549 -16.51 -23.35 3.14
CA PRO A 549 -15.24 -23.56 3.83
C PRO A 549 -14.19 -22.54 3.39
N VAL A 550 -13.65 -21.79 4.35
CA VAL A 550 -12.65 -20.68 4.14
C VAL A 550 -11.28 -21.17 4.65
N GLU A 551 -10.25 -21.12 3.80
CA GLU A 551 -8.90 -21.67 4.07
C GLU A 551 -7.88 -20.53 4.17
N VAL A 552 -8.30 -19.34 4.58
CA VAL A 552 -7.44 -18.13 4.77
C VAL A 552 -8.03 -17.26 5.88
N ASN A 553 -7.18 -16.49 6.57
CA ASN A 553 -7.61 -15.32 7.37
C ASN A 553 -8.06 -14.24 6.39
N THR A 554 -9.21 -13.59 6.62
CA THR A 554 -9.80 -12.60 5.70
C THR A 554 -10.92 -11.79 6.38
N VAL A 555 -11.54 -10.89 5.62
CA VAL A 555 -12.70 -10.05 6.06
C VAL A 555 -13.80 -10.16 5.01
N LEU A 556 -14.95 -10.75 5.37
CA LEU A 556 -16.14 -10.90 4.49
C LEU A 556 -16.86 -9.55 4.35
N HIS A 557 -17.05 -9.08 3.11
CA HIS A 557 -17.72 -7.78 2.78
C HIS A 557 -19.05 -8.01 2.04
N GLY A 558 -19.24 -9.17 1.42
CA GLY A 558 -20.48 -9.52 0.69
C GLY A 558 -20.37 -10.85 -0.03
N PHE A 559 -21.33 -11.14 -0.91
CA PHE A 559 -21.44 -12.40 -1.69
C PHE A 559 -21.60 -12.07 -3.16
N ALA A 560 -20.64 -12.48 -3.99
CA ALA A 560 -20.72 -12.44 -5.46
C ALA A 560 -21.78 -13.45 -5.92
N GLY A 561 -22.66 -13.04 -6.83
CA GLY A 561 -23.68 -13.90 -7.44
C GLY A 561 -23.43 -14.08 -8.92
N TYR A 562 -23.50 -15.33 -9.39
CA TYR A 562 -23.39 -15.72 -10.82
C TYR A 562 -24.60 -16.59 -11.17
N PHE A 563 -24.64 -17.16 -12.37
CA PHE A 563 -25.71 -18.11 -12.79
C PHE A 563 -25.23 -18.98 -13.95
N GLU A 564 -25.87 -20.16 -14.08
CA GLU A 564 -25.84 -21.04 -15.27
C GLU A 564 -27.28 -21.29 -15.72
N THR A 565 -27.49 -21.61 -16.99
CA THR A 565 -28.82 -21.93 -17.56
C THR A 565 -28.69 -23.02 -18.63
N VAL A 566 -29.59 -23.99 -18.61
CA VAL A 566 -29.79 -25.02 -19.68
C VAL A 566 -30.81 -24.44 -20.67
N LEU A 567 -30.32 -23.93 -21.81
CA LEU A 567 -31.18 -23.48 -22.93
C LEU A 567 -31.90 -24.71 -23.47
N TYR A 568 -31.13 -25.72 -23.87
CA TYR A 568 -31.61 -27.04 -24.33
C TYR A 568 -30.47 -28.06 -24.21
N GLN A 569 -30.73 -29.19 -23.52
CA GLN A 569 -29.82 -30.36 -23.39
C GLN A 569 -28.40 -29.91 -22.99
N ASP A 570 -27.43 -30.00 -23.91
CA ASP A 570 -25.98 -29.77 -23.61
C ASP A 570 -25.60 -28.32 -23.93
N ILE A 571 -26.47 -27.57 -24.62
CA ILE A 571 -26.23 -26.14 -24.96
C ILE A 571 -26.59 -25.32 -23.72
N THR A 572 -25.62 -24.60 -23.15
CA THR A 572 -25.76 -23.85 -21.88
C THR A 572 -25.12 -22.46 -22.01
N LEU A 573 -25.50 -21.55 -21.11
CA LEU A 573 -24.79 -20.26 -20.87
C LEU A 573 -24.41 -20.20 -19.40
N SER A 574 -23.30 -19.53 -19.09
CA SER A 574 -22.76 -19.38 -17.72
C SER A 574 -21.91 -18.12 -17.62
N ILE A 575 -22.02 -17.41 -16.50
CA ILE A 575 -21.05 -16.36 -16.06
C ILE A 575 -20.37 -16.82 -14.77
N ARG A 576 -20.63 -18.07 -14.35
CA ARG A 576 -19.89 -18.77 -13.26
C ARG A 576 -18.43 -18.86 -13.69
N PRO A 577 -17.48 -18.19 -12.98
CA PRO A 577 -16.12 -18.01 -13.48
C PRO A 577 -15.48 -19.33 -13.96
N GLU A 578 -15.73 -20.43 -13.25
CA GLU A 578 -15.18 -21.78 -13.55
C GLU A 578 -15.63 -22.20 -14.97
N THR A 579 -16.93 -22.09 -15.25
CA THR A 579 -17.60 -22.64 -16.45
C THR A 579 -18.05 -21.50 -17.37
N HIS A 580 -17.46 -20.31 -17.23
CA HIS A 580 -17.88 -19.05 -17.90
C HIS A 580 -17.87 -19.26 -19.42
N SER A 581 -18.99 -18.93 -20.09
CA SER A 581 -19.14 -18.94 -21.56
C SER A 581 -18.07 -18.03 -22.18
N PRO A 582 -17.26 -18.50 -23.15
CA PRO A 582 -16.10 -17.75 -23.62
C PRO A 582 -16.48 -16.42 -24.29
N GLY A 583 -15.97 -15.31 -23.76
CA GLY A 583 -16.11 -13.95 -24.32
C GLY A 583 -17.55 -13.47 -24.37
N MET A 584 -18.37 -13.83 -23.37
CA MET A 584 -19.80 -13.41 -23.27
C MET A 584 -19.93 -12.25 -22.28
N PHE A 585 -20.27 -11.06 -22.80
CA PHE A 585 -20.27 -9.77 -22.06
C PHE A 585 -21.70 -9.37 -21.66
N SER A 586 -22.70 -10.21 -21.94
CA SER A 586 -24.13 -9.94 -21.70
C SER A 586 -24.39 -9.70 -20.21
N TRP A 587 -23.75 -10.47 -19.32
CA TRP A 587 -23.93 -10.36 -17.85
C TRP A 587 -22.59 -10.18 -17.14
N PHE A 588 -22.49 -9.19 -16.25
CA PHE A 588 -21.48 -9.07 -15.18
C PHE A 588 -22.03 -9.71 -13.90
N PRO A 589 -21.19 -10.06 -12.91
CA PRO A 589 -21.68 -10.64 -11.65
C PRO A 589 -22.44 -9.61 -10.80
N ILE A 590 -23.31 -10.10 -9.91
CA ILE A 590 -24.08 -9.28 -8.94
C ILE A 590 -23.35 -9.35 -7.59
N LEU A 591 -23.53 -8.33 -6.74
CA LEU A 591 -22.91 -8.24 -5.40
C LEU A 591 -24.00 -7.97 -4.35
N PHE A 592 -24.17 -8.90 -3.41
CA PHE A 592 -25.02 -8.74 -2.20
C PHE A 592 -24.13 -8.28 -1.06
N PRO A 593 -24.12 -6.97 -0.71
CA PRO A 593 -23.27 -6.47 0.36
C PRO A 593 -23.74 -6.95 1.73
N ILE A 594 -23.00 -6.59 2.79
CA ILE A 594 -23.44 -6.72 4.21
C ILE A 594 -23.02 -5.45 4.95
N LYS A 595 -23.85 -5.01 5.91
CA LYS A 595 -23.71 -3.72 6.64
C LYS A 595 -22.31 -3.65 7.25
N GLN A 596 -21.95 -4.66 8.04
CA GLN A 596 -20.71 -4.70 8.86
C GLN A 596 -19.84 -5.85 8.40
N PRO A 597 -18.56 -5.60 8.04
CA PRO A 597 -17.64 -6.67 7.66
C PRO A 597 -17.49 -7.68 8.80
N ILE A 598 -17.40 -8.98 8.47
CA ILE A 598 -17.28 -10.10 9.45
C ILE A 598 -15.89 -10.72 9.30
N THR A 599 -15.10 -10.70 10.39
CA THR A 599 -13.75 -11.33 10.47
C THR A 599 -13.92 -12.85 10.35
N VAL A 600 -13.28 -13.45 9.35
CA VAL A 600 -13.26 -14.92 9.13
C VAL A 600 -11.82 -15.41 9.30
N ARG A 601 -11.57 -16.18 10.36
CA ARG A 601 -10.24 -16.79 10.66
C ARG A 601 -10.11 -18.11 9.88
N GLU A 602 -8.89 -18.42 9.46
CA GLU A 602 -8.53 -19.65 8.68
C GLU A 602 -9.14 -20.89 9.34
N GLY A 603 -9.82 -21.72 8.55
CA GLY A 603 -10.46 -22.97 9.01
C GLY A 603 -11.96 -22.82 9.21
N GLN A 604 -12.41 -21.64 9.64
CA GLN A 604 -13.83 -21.35 9.97
C GLN A 604 -14.69 -21.47 8.70
N THR A 605 -15.99 -21.67 8.89
CA THR A 605 -17.01 -21.78 7.81
C THR A 605 -17.86 -20.50 7.78
N ILE A 606 -18.01 -19.90 6.60
CA ILE A 606 -19.04 -18.84 6.34
C ILE A 606 -20.36 -19.55 6.04
N CYS A 607 -21.35 -19.40 6.93
CA CYS A 607 -22.74 -19.89 6.73
C CYS A 607 -23.63 -18.71 6.35
N VAL A 608 -24.08 -18.66 5.09
CA VAL A 608 -24.98 -17.59 4.55
C VAL A 608 -26.37 -18.19 4.31
N ARG A 609 -27.40 -17.37 4.52
CA ARG A 609 -28.84 -17.73 4.33
C ARG A 609 -29.42 -16.80 3.26
N PHE A 610 -30.07 -17.35 2.23
CA PHE A 610 -30.73 -16.58 1.15
C PHE A 610 -32.19 -17.02 1.04
N TRP A 611 -33.10 -16.04 1.09
CA TRP A 611 -34.54 -16.19 0.82
C TRP A 611 -34.89 -15.49 -0.50
N ARG A 612 -35.75 -16.11 -1.32
CA ARG A 612 -36.51 -15.42 -2.40
C ARG A 612 -37.92 -15.20 -1.86
N CYS A 613 -38.33 -13.95 -1.67
CA CYS A 613 -39.63 -13.53 -1.09
C CYS A 613 -40.46 -12.83 -2.17
N SER A 614 -41.79 -12.87 -2.05
CA SER A 614 -42.72 -12.24 -3.01
C SER A 614 -44.13 -12.10 -2.43
N ASN A 615 -44.84 -11.06 -2.87
CA ASN A 615 -46.32 -10.95 -2.82
C ASN A 615 -46.80 -10.81 -4.27
N SER A 616 -48.03 -10.34 -4.49
CA SER A 616 -48.65 -10.17 -5.84
C SER A 616 -47.95 -9.07 -6.63
N LYS A 617 -47.30 -8.11 -5.94
CA LYS A 617 -46.80 -6.83 -6.53
C LYS A 617 -45.26 -6.84 -6.66
N LYS A 618 -44.54 -7.36 -5.66
CA LYS A 618 -43.05 -7.28 -5.55
C LYS A 618 -42.42 -8.67 -5.42
N VAL A 619 -41.19 -8.81 -5.93
CA VAL A 619 -40.26 -9.95 -5.65
C VAL A 619 -38.97 -9.33 -5.11
N TRP A 620 -38.38 -9.92 -4.05
CA TRP A 620 -37.14 -9.42 -3.42
C TRP A 620 -36.35 -10.57 -2.77
N TYR A 621 -35.06 -10.36 -2.57
CA TYR A 621 -34.15 -11.26 -1.81
C TYR A 621 -33.93 -10.69 -0.40
N GLU A 622 -33.94 -11.58 0.60
CA GLU A 622 -33.44 -11.32 1.97
C GLU A 622 -32.25 -12.25 2.19
N TRP A 623 -31.27 -11.85 3.01
CA TRP A 623 -30.05 -12.66 3.29
C TRP A 623 -29.45 -12.29 4.64
N ALA A 624 -28.79 -13.27 5.28
CA ALA A 624 -28.08 -13.13 6.57
C ALA A 624 -26.90 -14.10 6.61
N VAL A 625 -25.80 -13.69 7.26
CA VAL A 625 -24.66 -14.57 7.66
C VAL A 625 -24.96 -15.07 9.08
N THR A 626 -24.80 -16.38 9.34
CA THR A 626 -25.08 -17.03 10.65
C THR A 626 -23.80 -17.65 11.23
N ALA A 627 -22.70 -17.66 10.48
CA ALA A 627 -21.38 -18.16 10.93
C ALA A 627 -20.27 -17.53 10.10
N PRO A 628 -19.08 -17.23 10.69
CA PRO A 628 -18.78 -17.54 12.09
C PRO A 628 -19.46 -16.60 13.10
N VAL A 629 -20.00 -15.48 12.61
CA VAL A 629 -20.81 -14.49 13.40
C VAL A 629 -22.15 -14.31 12.68
N CYS A 630 -23.19 -13.90 13.43
CA CYS A 630 -24.52 -13.53 12.89
C CYS A 630 -24.49 -12.08 12.41
N SER A 631 -24.86 -11.86 11.15
CA SER A 631 -25.22 -10.53 10.58
C SER A 631 -26.71 -10.28 10.85
N ALA A 632 -27.16 -9.05 10.65
CA ALA A 632 -28.61 -8.70 10.59
C ALA A 632 -29.18 -9.33 9.32
N ILE A 633 -30.47 -9.67 9.34
CA ILE A 633 -31.22 -10.05 8.11
C ILE A 633 -31.31 -8.79 7.24
N HIS A 634 -30.78 -8.86 6.02
CA HIS A 634 -30.67 -7.72 5.07
C HIS A 634 -31.93 -7.68 4.18
N ASN A 635 -32.50 -6.49 4.02
CA ASN A 635 -33.68 -6.21 3.15
C ASN A 635 -34.91 -6.94 3.67
N PRO A 636 -35.19 -6.94 4.99
CA PRO A 636 -36.40 -7.58 5.51
C PRO A 636 -37.67 -6.91 4.96
N THR A 637 -38.57 -7.71 4.38
CA THR A 637 -39.87 -7.27 3.80
C THR A 637 -39.64 -6.36 2.59
N GLY A 638 -38.46 -6.44 1.96
CA GLY A 638 -38.08 -5.64 0.78
C GLY A 638 -38.03 -4.14 1.06
N ARG A 639 -37.83 -3.73 2.32
CA ARG A 639 -37.90 -2.32 2.76
C ARG A 639 -36.89 -1.45 1.99
N SER A 640 -35.76 -2.02 1.59
CA SER A 640 -34.64 -1.32 0.90
C SER A 640 -34.66 -1.58 -0.61
N TYR A 641 -35.14 -2.75 -1.04
CA TYR A 641 -35.03 -3.22 -2.45
C TYR A 641 -36.14 -4.22 -2.78
N THR A 642 -36.92 -3.91 -3.83
CA THR A 642 -37.95 -4.81 -4.43
C THR A 642 -37.82 -4.79 -5.95
N ILE A 643 -38.26 -5.87 -6.60
CA ILE A 643 -38.30 -6.03 -8.08
C ILE A 643 -39.77 -6.10 -8.49
N GLY A 644 -40.23 -5.16 -9.33
CA GLY A 644 -41.65 -4.95 -9.64
C GLY A 644 -42.22 -6.05 -10.54
N LEU A 645 -43.42 -6.55 -10.19
CA LEU A 645 -44.22 -7.48 -11.04
C LEU A 645 -45.26 -6.67 -11.83
N GLU B 36 26.29 27.25 5.83
CA GLU B 36 25.12 26.46 6.32
C GLU B 36 24.92 26.76 7.82
N ARG B 37 23.68 27.08 8.21
CA ARG B 37 23.29 27.58 9.57
C ARG B 37 23.47 26.46 10.61
N GLN B 38 23.03 25.24 10.30
CA GLN B 38 22.95 24.11 11.25
C GLN B 38 24.28 23.34 11.28
N LEU B 39 25.01 23.42 12.40
CA LEU B 39 26.30 22.69 12.62
C LEU B 39 25.98 21.32 13.22
N GLU B 40 26.51 20.25 12.63
CA GLU B 40 26.23 18.84 13.00
C GLU B 40 27.39 18.27 13.84
N ALA B 41 28.62 18.39 13.33
CA ALA B 41 29.83 17.73 13.89
C ALA B 41 30.85 18.80 14.33
N ALA B 42 31.63 18.48 15.36
CA ALA B 42 32.79 19.27 15.87
C ALA B 42 33.77 18.31 16.54
N ARG B 43 34.95 18.15 15.95
CA ARG B 43 36.01 17.22 16.42
C ARG B 43 37.36 17.93 16.43
N TYR B 44 38.04 17.95 17.58
CA TYR B 44 39.44 18.43 17.73
C TYR B 44 40.40 17.35 17.23
N ARG B 45 41.30 17.73 16.32
CA ARG B 45 42.43 16.88 15.86
C ARG B 45 43.52 16.90 16.93
N SER B 46 44.41 15.90 16.94
CA SER B 46 45.53 15.72 17.89
C SER B 46 46.25 17.06 18.14
N ASP B 47 46.60 17.78 17.07
CA ASP B 47 47.44 19.02 17.11
C ASP B 47 46.63 20.19 17.70
N GLY B 48 45.29 20.12 17.66
CA GLY B 48 44.38 21.11 18.28
C GLY B 48 43.55 21.88 17.27
N ALA B 49 43.52 21.45 16.02
CA ALA B 49 42.68 22.02 14.93
C ALA B 49 41.23 21.51 15.09
N LEU B 50 40.25 22.32 14.68
CA LEU B 50 38.80 22.05 14.88
C LEU B 50 38.14 21.77 13.52
N LEU B 51 37.61 20.56 13.35
CA LEU B 51 36.86 20.11 12.15
C LEU B 51 35.36 20.29 12.40
N LEU B 52 34.67 21.06 11.54
CA LEU B 52 33.22 21.34 11.65
C LEU B 52 32.49 20.78 10.43
N GLY B 53 31.56 19.85 10.66
CA GLY B 53 30.54 19.41 9.69
C GLY B 53 29.27 20.21 9.85
N ALA B 54 28.70 20.70 8.75
CA ALA B 54 27.49 21.55 8.72
C ALA B 54 26.56 21.10 7.58
N SER B 55 25.29 21.51 7.66
CA SER B 55 24.23 21.22 6.67
C SER B 55 23.14 22.30 6.74
N SER B 56 22.48 22.57 5.61
CA SER B 56 21.25 23.41 5.52
C SER B 56 20.02 22.50 5.68
N LEU B 57 19.35 22.58 6.84
CA LEU B 57 18.14 21.78 7.16
C LEU B 57 16.88 22.63 6.93
N SER B 58 17.04 23.83 6.37
CA SER B 58 15.95 24.72 5.91
C SER B 58 16.51 25.72 4.88
N GLY B 59 15.65 26.19 3.97
CA GLY B 59 16.00 27.14 2.89
C GLY B 59 15.96 26.51 1.52
N ARG B 60 16.31 27.27 0.48
CA ARG B 60 16.26 26.87 -0.95
C ARG B 60 17.15 25.64 -1.18
N CYS B 61 18.40 25.69 -0.70
N CYS B 61 18.40 25.70 -0.72
CA CYS B 61 19.44 24.65 -0.88
CA CYS B 61 19.44 24.65 -0.88
C CYS B 61 19.57 23.82 0.40
C CYS B 61 19.57 23.82 0.41
N TRP B 62 19.61 22.48 0.29
CA TRP B 62 19.71 21.52 1.42
C TRP B 62 21.02 20.74 1.33
N ALA B 63 22.14 21.42 1.08
CA ALA B 63 23.49 20.82 0.94
C ALA B 63 24.22 20.86 2.29
N GLY B 64 25.51 20.50 2.31
CA GLY B 64 26.37 20.50 3.51
C GLY B 64 27.76 21.02 3.20
N SER B 65 28.62 21.10 4.22
CA SER B 65 29.99 21.65 4.13
C SER B 65 30.90 21.08 5.23
N LEU B 66 32.20 21.06 4.98
CA LEU B 66 33.27 20.63 5.92
C LEU B 66 34.29 21.78 6.02
N TRP B 67 34.58 22.25 7.23
CA TRP B 67 35.58 23.32 7.53
C TRP B 67 36.73 22.75 8.35
N LEU B 68 37.86 23.48 8.40
CA LEU B 68 38.94 23.26 9.39
C LEU B 68 39.37 24.61 9.97
N PHE B 69 39.47 24.68 11.30
CA PHE B 69 39.84 25.90 12.08
C PHE B 69 41.08 25.61 12.92
N LYS B 70 42.24 26.13 12.48
CA LYS B 70 43.54 26.03 13.21
C LYS B 70 43.52 27.01 14.39
N ASP B 71 42.72 28.08 14.30
CA ASP B 71 42.36 28.98 15.42
C ASP B 71 40.95 28.60 15.87
N PRO B 72 40.77 27.94 17.05
CA PRO B 72 39.46 27.45 17.47
C PRO B 72 38.52 28.55 17.96
N CYS B 73 39.07 29.63 18.52
CA CYS B 73 38.34 30.81 19.07
C CYS B 73 37.91 31.76 17.94
N ALA B 74 38.07 31.35 16.67
CA ALA B 74 37.62 32.08 15.45
C ALA B 74 36.24 31.58 15.01
N ALA B 75 35.95 30.30 15.23
CA ALA B 75 34.70 29.60 14.82
C ALA B 75 33.49 30.28 15.47
N PRO B 76 32.29 30.28 14.82
CA PRO B 76 32.07 29.60 13.54
C PRO B 76 32.44 30.42 12.29
N ASN B 77 32.87 31.68 12.47
CA ASN B 77 33.02 32.70 11.41
C ASN B 77 33.85 32.15 10.25
N GLU B 78 33.22 32.01 9.06
CA GLU B 78 33.83 31.45 7.83
C GLU B 78 35.04 32.29 7.39
N GLY B 79 34.99 33.61 7.61
CA GLY B 79 36.02 34.58 7.17
C GLY B 79 37.38 34.33 7.81
N PHE B 80 37.43 33.61 8.95
CA PHE B 80 38.66 33.34 9.74
C PHE B 80 38.87 31.83 9.87
N CYS B 81 38.87 31.10 8.74
CA CYS B 81 39.09 29.63 8.66
C CYS B 81 40.36 29.32 7.87
N SER B 82 40.87 28.09 7.98
CA SER B 82 42.08 27.57 7.30
C SER B 82 41.70 26.99 5.93
N ALA B 83 40.62 26.21 5.88
CA ALA B 83 40.10 25.55 4.65
C ALA B 83 38.61 25.20 4.84
N GLY B 84 37.90 25.01 3.71
CA GLY B 84 36.48 24.62 3.67
C GLY B 84 36.08 24.08 2.30
N VAL B 85 35.03 23.26 2.24
CA VAL B 85 34.50 22.68 0.97
C VAL B 85 33.00 22.43 1.12
N GLN B 86 32.26 22.48 0.00
CA GLN B 86 30.81 22.21 -0.11
C GLN B 86 30.62 20.76 -0.59
N THR B 87 29.79 19.99 0.12
CA THR B 87 29.31 18.64 -0.30
C THR B 87 28.02 18.82 -1.12
N GLU B 88 27.63 17.79 -1.88
CA GLU B 88 26.44 17.85 -2.78
C GLU B 88 25.17 17.80 -1.91
N ALA B 89 25.25 17.16 -0.73
CA ALA B 89 24.12 17.00 0.23
C ALA B 89 24.63 17.20 1.66
N GLY B 90 23.69 17.34 2.61
CA GLY B 90 23.95 17.58 4.04
C GLY B 90 24.71 16.45 4.69
N VAL B 91 25.44 16.74 5.78
CA VAL B 91 26.18 15.75 6.61
C VAL B 91 25.35 15.46 7.88
N ALA B 92 25.20 14.18 8.23
CA ALA B 92 24.44 13.70 9.42
C ALA B 92 25.41 13.36 10.56
N ASP B 93 26.56 12.78 10.24
CA ASP B 93 27.65 12.45 11.20
C ASP B 93 29.00 12.60 10.48
N LEU B 94 30.08 12.70 11.25
CA LEU B 94 31.45 12.98 10.77
C LEU B 94 32.46 12.29 11.70
N THR B 95 33.64 11.93 11.18
CA THR B 95 34.78 11.40 11.97
C THR B 95 36.10 11.72 11.26
N TRP B 96 37.12 12.05 12.05
CA TRP B 96 38.55 12.11 11.62
C TRP B 96 38.99 10.68 11.28
N VAL B 97 39.60 10.49 10.10
CA VAL B 97 40.37 9.27 9.73
C VAL B 97 41.86 9.61 9.89
N GLY B 98 42.38 9.46 11.11
CA GLY B 98 43.76 9.83 11.47
C GLY B 98 43.91 11.34 11.59
N GLU B 99 44.63 11.95 10.64
CA GLU B 99 45.10 13.36 10.72
C GLU B 99 44.62 14.20 9.52
N ARG B 100 44.53 13.61 8.31
CA ARG B 100 44.18 14.34 7.05
C ARG B 100 42.88 13.79 6.43
N GLY B 101 42.33 12.70 6.94
CA GLY B 101 41.11 12.06 6.39
C GLY B 101 39.85 12.51 7.10
N ILE B 102 38.76 12.71 6.36
CA ILE B 102 37.42 13.09 6.90
C ILE B 102 36.36 12.17 6.28
N LEU B 103 35.81 11.24 7.08
CA LEU B 103 34.76 10.28 6.64
C LEU B 103 33.38 10.87 6.99
N VAL B 104 32.49 10.98 5.99
CA VAL B 104 31.19 11.72 6.09
C VAL B 104 30.03 10.73 5.89
N ALA B 105 28.95 10.91 6.64
CA ALA B 105 27.66 10.19 6.49
C ALA B 105 26.64 11.15 5.88
N SER B 106 26.34 10.98 4.59
CA SER B 106 25.54 11.93 3.75
C SER B 106 24.05 11.59 3.79
N ASP B 107 23.19 12.60 3.59
CA ASP B 107 21.72 12.46 3.39
C ASP B 107 21.49 11.65 2.09
N SER B 108 22.34 11.85 1.09
CA SER B 108 22.29 11.22 -0.26
C SER B 108 22.25 9.69 -0.15
N GLY B 109 22.73 9.14 0.97
CA GLY B 109 22.88 7.69 1.20
C GLY B 109 24.27 7.22 0.84
N ALA B 110 25.21 8.16 0.70
CA ALA B 110 26.63 7.91 0.40
C ALA B 110 27.46 8.04 1.68
N VAL B 111 28.46 7.18 1.84
CA VAL B 111 29.62 7.37 2.74
C VAL B 111 30.75 7.92 1.86
N GLU B 112 31.33 9.07 2.23
CA GLU B 112 32.39 9.73 1.42
C GLU B 112 33.58 10.09 2.32
N LEU B 113 34.80 9.90 1.80
CA LEU B 113 36.08 10.24 2.46
C LEU B 113 36.69 11.45 1.72
N TRP B 114 36.80 12.59 2.42
CA TRP B 114 37.43 13.83 1.90
C TRP B 114 38.88 13.91 2.42
N GLU B 115 39.83 14.25 1.54
CA GLU B 115 41.29 14.29 1.84
C GLU B 115 41.71 15.74 2.09
N LEU B 116 42.25 16.03 3.27
CA LEU B 116 42.88 17.33 3.61
C LEU B 116 44.18 17.45 2.81
N ASP B 117 44.46 18.65 2.27
CA ASP B 117 45.54 18.92 1.29
C ASP B 117 46.92 18.68 1.94
N GLU B 118 47.98 18.70 1.13
CA GLU B 118 49.40 18.65 1.59
C GLU B 118 49.71 19.89 2.41
N ASN B 119 49.06 21.03 2.08
CA ASN B 119 49.18 22.33 2.80
C ASN B 119 48.04 22.48 3.82
N GLU B 120 47.01 21.62 3.74
CA GLU B 120 45.77 21.68 4.56
C GLU B 120 45.03 23.00 4.25
N THR B 121 44.91 23.34 2.97
CA THR B 121 44.26 24.59 2.48
C THR B 121 43.20 24.25 1.41
N LEU B 122 42.79 22.98 1.33
CA LEU B 122 41.87 22.46 0.29
C LEU B 122 41.42 21.04 0.68
N ILE B 123 40.11 20.76 0.59
CA ILE B 123 39.49 19.45 0.96
C ILE B 123 38.88 18.83 -0.30
N VAL B 124 39.41 17.69 -0.75
CA VAL B 124 39.02 17.02 -2.04
C VAL B 124 38.46 15.63 -1.73
N SER B 125 37.47 15.19 -2.50
CA SER B 125 36.77 13.87 -2.37
C SER B 125 37.68 12.75 -2.88
N LYS B 126 37.90 11.72 -2.06
CA LYS B 126 38.65 10.48 -2.45
C LYS B 126 37.65 9.44 -2.96
N PHE B 127 36.70 9.03 -2.11
CA PHE B 127 35.56 8.16 -2.49
C PHE B 127 34.26 8.79 -1.99
N CYS B 128 33.18 8.61 -2.76
CA CYS B 128 31.77 8.94 -2.41
C CYS B 128 30.88 7.80 -2.91
N LYS B 129 30.63 6.81 -2.05
CA LYS B 129 30.04 5.50 -2.43
C LYS B 129 28.57 5.43 -2.01
N TYR B 130 27.67 5.43 -2.99
CA TYR B 130 26.20 5.34 -2.82
C TYR B 130 25.81 3.87 -2.62
N GLU B 131 26.04 3.34 -1.41
CA GLU B 131 25.83 1.90 -1.08
C GLU B 131 24.59 1.73 -0.18
N HIS B 132 24.25 2.75 0.63
CA HIS B 132 23.03 2.78 1.49
C HIS B 132 21.82 3.22 0.66
N ASP B 133 20.61 2.84 1.10
CA ASP B 133 19.33 3.10 0.40
C ASP B 133 18.56 4.23 1.09
N ASP B 134 19.15 4.85 2.12
CA ASP B 134 18.54 5.98 2.86
C ASP B 134 19.66 6.80 3.51
N ILE B 135 19.31 7.89 4.18
CA ILE B 135 20.24 8.78 4.93
C ILE B 135 21.22 7.93 5.73
N VAL B 136 22.52 8.13 5.55
CA VAL B 136 23.58 7.60 6.45
C VAL B 136 23.61 8.55 7.66
N SER B 137 23.34 8.03 8.86
CA SER B 137 23.07 8.83 10.09
C SER B 137 24.26 8.77 11.06
N THR B 138 25.10 7.74 11.00
CA THR B 138 26.23 7.54 11.94
C THR B 138 27.42 6.87 11.24
N VAL B 139 28.64 7.29 11.60
CA VAL B 139 29.94 6.68 11.17
C VAL B 139 30.88 6.65 12.37
N SER B 140 31.81 5.69 12.37
CA SER B 140 32.87 5.50 13.40
C SER B 140 34.03 4.72 12.77
N VAL B 141 35.25 5.25 12.84
CA VAL B 141 36.48 4.60 12.32
C VAL B 141 36.93 3.56 13.36
N LEU B 142 37.31 2.36 12.90
CA LEU B 142 37.77 1.24 13.76
C LEU B 142 39.21 1.51 14.21
N SER B 143 39.64 0.84 15.29
CA SER B 143 40.92 1.07 16.02
C SER B 143 42.11 1.15 15.06
N SER B 144 42.11 0.37 13.98
CA SER B 144 43.16 0.36 12.92
C SER B 144 43.28 1.74 12.27
N GLY B 145 42.15 2.31 11.84
CA GLY B 145 42.08 3.55 11.03
C GLY B 145 42.09 3.26 9.54
N THR B 146 42.07 1.97 9.17
CA THR B 146 42.07 1.46 7.78
C THR B 146 40.67 0.95 7.40
N GLN B 147 39.77 0.87 8.37
CA GLN B 147 38.36 0.40 8.20
C GLN B 147 37.43 1.29 9.03
N ALA B 148 36.16 1.38 8.61
CA ALA B 148 35.09 2.14 9.31
C ALA B 148 33.76 1.40 9.15
N VAL B 149 32.80 1.67 10.05
CA VAL B 149 31.43 1.10 10.04
C VAL B 149 30.43 2.25 10.03
N SER B 150 29.36 2.13 9.22
CA SER B 150 28.29 3.16 9.04
C SER B 150 26.95 2.58 9.46
N GLY B 151 26.01 3.45 9.86
CA GLY B 151 24.63 3.10 10.24
C GLY B 151 23.63 4.02 9.57
N SER B 152 22.79 3.48 8.67
CA SER B 152 21.82 4.23 7.84
C SER B 152 20.39 4.00 8.34
N LYS B 153 19.47 4.90 7.94
CA LYS B 153 18.01 4.82 8.24
C LYS B 153 17.38 3.66 7.47
N ASP B 154 18.08 3.13 6.47
CA ASP B 154 17.68 1.92 5.69
C ASP B 154 17.86 0.67 6.56
N ILE B 155 18.29 0.83 7.82
CA ILE B 155 18.29 -0.21 8.90
C ILE B 155 19.57 -1.05 8.83
N CYS B 156 20.37 -0.91 7.77
CA CYS B 156 21.60 -1.72 7.51
C CYS B 156 22.80 -1.08 8.21
N ILE B 157 23.73 -1.91 8.71
CA ILE B 157 25.10 -1.54 9.16
C ILE B 157 26.08 -2.19 8.17
N LYS B 158 27.02 -1.40 7.63
CA LYS B 158 28.03 -1.85 6.64
C LYS B 158 29.43 -1.55 7.15
N VAL B 159 30.39 -2.45 6.90
CA VAL B 159 31.83 -2.29 7.25
C VAL B 159 32.60 -1.92 5.97
N TRP B 160 33.47 -0.90 6.07
CA TRP B 160 34.19 -0.27 4.92
C TRP B 160 35.67 -0.61 4.97
N ASP B 161 36.29 -0.74 3.80
CA ASP B 161 37.77 -0.76 3.60
C ASP B 161 38.14 0.59 2.98
N LEU B 162 38.69 1.50 3.79
CA LEU B 162 39.01 2.90 3.40
C LEU B 162 40.17 2.90 2.38
N ALA B 163 41.05 1.90 2.45
CA ALA B 163 42.19 1.69 1.53
C ALA B 163 41.66 1.34 0.13
N GLN B 164 40.67 0.44 0.05
CA GLN B 164 40.14 -0.13 -1.21
C GLN B 164 38.86 0.60 -1.65
N GLN B 165 38.19 1.31 -0.73
CA GLN B 165 36.99 2.15 -0.98
C GLN B 165 35.79 1.28 -1.39
N VAL B 166 35.70 0.06 -0.87
CA VAL B 166 34.58 -0.89 -1.12
C VAL B 166 33.99 -1.33 0.23
N VAL B 167 32.85 -2.02 0.20
CA VAL B 167 32.16 -2.59 1.40
C VAL B 167 32.61 -4.04 1.55
N LEU B 168 33.08 -4.43 2.74
CA LEU B 168 33.50 -5.82 3.08
C LEU B 168 32.27 -6.62 3.52
N SER B 169 31.56 -6.13 4.55
CA SER B 169 30.38 -6.78 5.17
C SER B 169 29.16 -5.85 5.07
N SER B 170 27.97 -6.43 4.92
CA SER B 170 26.64 -5.74 4.95
C SER B 170 25.71 -6.48 5.93
N TYR B 171 25.43 -5.87 7.08
CA TYR B 171 24.67 -6.47 8.20
C TYR B 171 23.29 -5.80 8.35
N ARG B 172 22.23 -6.54 8.04
CA ARG B 172 20.83 -6.17 8.35
C ARG B 172 20.42 -6.89 9.64
N ALA B 173 20.93 -6.42 10.79
CA ALA B 173 20.68 -7.00 12.13
C ALA B 173 19.42 -6.37 12.74
N HIS B 174 19.28 -5.05 12.61
CA HIS B 174 18.21 -4.24 13.26
C HIS B 174 16.90 -4.33 12.48
N ALA B 175 15.81 -3.84 13.09
CA ALA B 175 14.44 -3.83 12.55
C ALA B 175 13.94 -2.39 12.39
N ALA B 176 14.82 -1.39 12.54
CA ALA B 176 14.48 0.05 12.44
C ALA B 176 15.75 0.89 12.20
N GLN B 177 15.58 2.21 12.04
CA GLN B 177 16.66 3.18 11.73
C GLN B 177 17.85 2.94 12.67
N VAL B 178 19.06 2.76 12.10
CA VAL B 178 20.34 2.63 12.86
C VAL B 178 20.71 4.05 13.34
N THR B 179 20.61 4.28 14.65
CA THR B 179 20.77 5.61 15.29
C THR B 179 22.27 5.94 15.44
N CYS B 180 23.01 5.11 16.16
CA CYS B 180 24.43 5.30 16.50
C CYS B 180 25.22 4.00 16.27
N VAL B 181 26.44 4.11 15.75
CA VAL B 181 27.45 3.01 15.68
C VAL B 181 28.78 3.54 16.21
N ALA B 182 29.28 2.96 17.30
CA ALA B 182 30.54 3.36 17.97
C ALA B 182 31.55 2.22 17.86
N ALA B 183 32.68 2.47 17.20
CA ALA B 183 33.82 1.53 17.04
C ALA B 183 34.45 1.29 18.41
N SER B 184 34.87 0.05 18.69
CA SER B 184 35.68 -0.31 19.88
C SER B 184 36.98 0.50 19.83
N PRO B 185 37.40 1.14 20.94
CA PRO B 185 38.64 1.91 20.98
C PRO B 185 39.87 1.15 20.46
N HIS B 186 40.02 -0.14 20.80
CA HIS B 186 41.29 -0.92 20.64
C HIS B 186 41.08 -2.22 19.86
N LYS B 187 39.88 -2.52 19.35
CA LYS B 187 39.56 -3.78 18.63
C LYS B 187 38.82 -3.47 17.33
N ASP B 188 39.35 -3.95 16.19
CA ASP B 188 38.76 -3.72 14.83
C ASP B 188 37.44 -4.49 14.70
N SER B 189 37.42 -5.76 15.13
CA SER B 189 36.29 -6.70 14.93
C SER B 189 35.11 -6.34 15.84
N VAL B 190 35.33 -5.52 16.87
CA VAL B 190 34.30 -5.17 17.90
C VAL B 190 33.84 -3.72 17.70
N PHE B 191 32.55 -3.46 17.89
CA PHE B 191 31.90 -2.12 17.87
C PHE B 191 30.47 -2.21 18.40
N LEU B 192 29.94 -1.10 18.91
CA LEU B 192 28.54 -0.99 19.43
C LEU B 192 27.64 -0.40 18.34
N SER B 193 26.35 -0.71 18.41
CA SER B 193 25.28 -0.10 17.58
C SER B 193 23.97 -0.10 18.37
N CYS B 194 23.12 0.91 18.15
CA CYS B 194 21.75 1.00 18.73
C CYS B 194 20.78 1.57 17.68
N SER B 195 19.50 1.22 17.80
CA SER B 195 18.45 1.48 16.79
C SER B 195 17.09 1.72 17.46
N GLU B 196 16.11 2.16 16.67
CA GLU B 196 14.73 2.49 17.15
C GLU B 196 13.94 1.19 17.35
N ASP B 197 14.54 0.03 17.05
CA ASP B 197 14.01 -1.32 17.40
C ASP B 197 14.28 -1.60 18.88
N ASN B 198 14.94 -0.66 19.58
CA ASN B 198 15.17 -0.68 21.05
C ASN B 198 16.33 -1.63 21.39
N ARG B 199 17.11 -2.04 20.39
CA ARG B 199 18.26 -2.98 20.57
C ARG B 199 19.56 -2.17 20.66
N ILE B 200 20.40 -2.51 21.64
CA ILE B 200 21.85 -2.18 21.67
C ILE B 200 22.60 -3.47 21.36
N LEU B 201 23.30 -3.54 20.21
CA LEU B 201 24.06 -4.72 19.76
C LEU B 201 25.55 -4.52 20.04
N LEU B 202 26.15 -5.42 20.83
CA LEU B 202 27.63 -5.59 20.90
C LEU B 202 28.06 -6.47 19.74
N TRP B 203 28.93 -5.97 18.86
CA TRP B 203 29.40 -6.67 17.64
C TRP B 203 30.77 -7.29 17.87
N ASP B 204 31.04 -8.43 17.22
CA ASP B 204 32.35 -9.12 17.17
C ASP B 204 32.38 -9.93 15.87
N THR B 205 32.90 -9.34 14.80
CA THR B 205 32.86 -9.87 13.41
C THR B 205 33.70 -11.15 13.30
N ARG B 206 34.49 -11.48 14.32
CA ARG B 206 35.23 -12.77 14.45
C ARG B 206 34.23 -13.93 14.55
N CYS B 207 33.06 -13.69 15.17
CA CYS B 207 31.98 -14.70 15.38
C CYS B 207 31.19 -14.92 14.09
N PRO B 208 30.57 -16.11 13.91
CA PRO B 208 29.70 -16.36 12.77
C PRO B 208 28.34 -15.64 12.90
N LYS B 209 27.85 -15.46 14.13
CA LYS B 209 26.70 -14.58 14.48
C LYS B 209 27.24 -13.37 15.23
N PRO B 210 27.68 -12.30 14.52
CA PRO B 210 28.45 -11.21 15.13
C PRO B 210 27.75 -10.36 16.21
N ALA B 211 26.42 -10.26 16.18
CA ALA B 211 25.65 -9.35 17.05
C ALA B 211 25.18 -10.06 18.32
N SER B 212 25.07 -9.32 19.43
CA SER B 212 24.57 -9.79 20.74
C SER B 212 23.80 -8.66 21.43
N GLN B 213 22.52 -8.89 21.77
CA GLN B 213 21.65 -7.91 22.49
C GLN B 213 22.11 -7.83 23.95
N ILE B 214 22.31 -6.60 24.45
CA ILE B 214 22.83 -6.33 25.83
C ILE B 214 22.26 -4.98 26.31
N GLY B 215 21.78 -4.93 27.55
CA GLY B 215 21.18 -3.72 28.15
C GLY B 215 20.74 -3.95 29.59
N CYS B 216 19.76 -3.18 30.07
CA CYS B 216 19.20 -3.24 31.45
C CYS B 216 18.19 -4.39 31.57
N SER B 217 17.67 -4.63 32.77
CA SER B 217 16.74 -5.73 33.12
C SER B 217 15.49 -5.66 32.23
N ALA B 218 14.75 -4.55 32.30
CA ALA B 218 13.49 -4.31 31.55
C ALA B 218 13.78 -3.54 30.26
N PRO B 219 12.91 -3.64 29.23
CA PRO B 219 13.07 -2.86 28.01
C PRO B 219 12.63 -1.40 28.20
N GLY B 220 13.58 -0.52 28.52
CA GLY B 220 13.34 0.91 28.80
C GLY B 220 13.12 1.72 27.52
N TYR B 221 13.34 3.03 27.57
CA TYR B 221 13.18 3.98 26.44
C TYR B 221 14.35 3.79 25.45
N LEU B 222 14.16 4.20 24.20
CA LEU B 222 15.02 3.84 23.04
C LEU B 222 16.42 4.42 23.22
N PRO B 223 17.48 3.65 22.87
CA PRO B 223 18.86 4.16 22.90
C PRO B 223 19.16 5.08 21.71
N THR B 224 19.92 6.17 21.95
CA THR B 224 20.16 7.26 20.97
C THR B 224 21.66 7.54 20.81
N SER B 225 22.43 7.64 21.90
CA SER B 225 23.88 7.92 21.92
C SER B 225 24.65 6.76 22.56
N LEU B 226 25.88 6.49 22.08
CA LEU B 226 26.77 5.42 22.58
C LEU B 226 28.21 5.94 22.68
N ALA B 227 28.84 5.80 23.85
CA ALA B 227 30.26 6.14 24.10
C ALA B 227 30.96 5.01 24.86
N TRP B 228 31.98 4.42 24.25
CA TRP B 228 32.92 3.46 24.90
C TRP B 228 33.69 4.19 26.00
N HIS B 229 33.98 3.51 27.12
CA HIS B 229 34.90 3.99 28.18
C HIS B 229 36.33 3.85 27.67
N PRO B 230 37.19 4.89 27.77
CA PRO B 230 38.52 4.86 27.14
C PRO B 230 39.53 3.89 27.76
N GLN B 231 39.31 3.49 29.02
CA GLN B 231 40.27 2.69 29.83
C GLN B 231 39.72 1.29 30.12
N GLN B 232 38.40 1.15 30.32
CA GLN B 232 37.70 -0.16 30.38
C GLN B 232 37.23 -0.52 28.97
N SER B 233 37.81 -1.55 28.37
CA SER B 233 37.50 -2.04 27.00
C SER B 233 36.12 -2.74 26.98
N GLU B 234 35.55 -3.02 28.16
CA GLU B 234 34.35 -3.89 28.33
C GLU B 234 33.17 -3.12 28.93
N VAL B 235 33.26 -1.80 29.12
CA VAL B 235 32.13 -0.96 29.60
C VAL B 235 31.91 0.22 28.64
N PHE B 236 30.66 0.65 28.48
CA PHE B 236 30.25 1.83 27.68
C PHE B 236 29.09 2.54 28.39
N VAL B 237 28.75 3.75 27.92
CA VAL B 237 27.55 4.52 28.35
C VAL B 237 26.62 4.68 27.15
N PHE B 238 25.31 4.49 27.36
CA PHE B 238 24.24 4.76 26.36
C PHE B 238 23.29 5.80 26.94
N GLY B 239 23.02 6.86 26.15
CA GLY B 239 21.97 7.85 26.41
C GLY B 239 20.70 7.49 25.66
N ASP B 240 19.55 7.57 26.31
CA ASP B 240 18.23 7.19 25.72
C ASP B 240 17.52 8.46 25.21
N GLU B 241 16.28 8.31 24.76
CA GLU B 241 15.44 9.39 24.16
C GLU B 241 14.66 10.12 25.26
N ASN B 242 14.70 9.62 26.50
CA ASN B 242 13.98 10.20 27.67
C ASN B 242 14.93 11.06 28.51
N GLY B 243 16.21 11.16 28.10
CA GLY B 243 17.21 12.04 28.74
C GLY B 243 18.04 11.32 29.80
N THR B 244 17.85 10.01 29.97
CA THR B 244 18.61 9.16 30.93
C THR B 244 19.93 8.72 30.27
N VAL B 245 21.05 8.93 30.97
CA VAL B 245 22.39 8.38 30.60
C VAL B 245 22.67 7.20 31.54
N SER B 246 23.00 6.03 30.98
CA SER B 246 23.20 4.74 31.71
C SER B 246 24.63 4.23 31.50
N LEU B 247 25.25 3.72 32.57
CA LEU B 247 26.60 3.09 32.55
C LEU B 247 26.43 1.56 32.47
N VAL B 248 26.90 0.94 31.38
CA VAL B 248 26.70 -0.50 31.06
C VAL B 248 28.02 -1.25 31.19
N ASP B 249 27.96 -2.46 31.76
CA ASP B 249 29.05 -3.47 31.77
C ASP B 249 28.65 -4.61 30.83
N THR B 250 29.44 -4.87 29.78
CA THR B 250 29.20 -5.95 28.79
C THR B 250 29.33 -7.30 29.50
N LYS B 251 30.32 -7.41 30.41
CA LYS B 251 30.66 -8.66 31.16
C LYS B 251 29.50 -9.05 32.08
N SER B 252 28.90 -8.08 32.77
CA SER B 252 27.85 -8.27 33.80
C SER B 252 26.45 -8.29 33.17
N THR B 253 26.31 -7.71 31.97
CA THR B 253 25.06 -7.66 31.14
C THR B 253 23.90 -7.06 31.94
N SER B 254 24.19 -6.25 32.96
CA SER B 254 23.20 -5.57 33.84
C SER B 254 23.66 -4.13 34.11
N CYS B 255 22.73 -3.17 34.02
CA CYS B 255 22.99 -1.71 34.15
C CYS B 255 23.31 -1.37 35.61
N VAL B 256 24.56 -0.98 35.89
CA VAL B 256 25.11 -0.78 37.26
C VAL B 256 24.52 0.50 37.86
N LEU B 257 24.39 1.58 37.06
CA LEU B 257 23.77 2.86 37.51
C LEU B 257 23.36 3.70 36.29
N SER B 258 22.18 4.33 36.38
CA SER B 258 21.65 5.33 35.43
C SER B 258 21.29 6.61 36.20
N SER B 259 21.03 7.71 35.47
CA SER B 259 20.64 9.02 36.03
C SER B 259 19.89 9.86 34.97
N ALA B 260 18.89 10.62 35.39
CA ALA B 260 18.13 11.57 34.55
C ALA B 260 18.91 12.89 34.44
N VAL B 261 19.76 13.00 33.42
CA VAL B 261 20.69 14.15 33.21
C VAL B 261 19.93 15.27 32.50
N HIS B 262 19.33 14.96 31.34
CA HIS B 262 18.60 15.91 30.47
C HIS B 262 17.09 15.69 30.62
N SER B 263 16.30 16.71 30.26
CA SER B 263 14.82 16.69 30.24
C SER B 263 14.32 16.10 28.92
N GLN B 264 15.17 16.07 27.89
CA GLN B 264 14.86 15.55 26.53
C GLN B 264 15.99 14.63 26.03
N CYS B 265 15.80 14.03 24.86
CA CYS B 265 16.67 12.98 24.23
C CYS B 265 18.14 13.35 24.32
N VAL B 266 19.00 12.34 24.57
CA VAL B 266 20.49 12.45 24.66
C VAL B 266 21.08 12.13 23.28
N THR B 267 21.53 13.15 22.54
CA THR B 267 21.93 13.06 21.11
C THR B 267 23.41 12.69 20.97
N GLY B 268 24.22 12.92 22.00
CA GLY B 268 25.68 12.66 21.97
C GLY B 268 26.25 12.39 23.36
N LEU B 269 27.26 11.53 23.44
CA LEU B 269 28.06 11.24 24.66
C LEU B 269 29.53 11.15 24.27
N VAL B 270 30.37 12.01 24.85
CA VAL B 270 31.83 12.13 24.52
C VAL B 270 32.63 12.18 25.82
N PHE B 271 33.63 11.30 25.97
CA PHE B 271 34.53 11.22 27.14
C PHE B 271 35.69 12.20 26.96
N SER B 272 36.23 12.71 28.07
CA SER B 272 37.39 13.62 28.12
C SER B 272 38.68 12.82 28.00
N PRO B 273 39.82 13.46 27.60
CA PRO B 273 41.10 12.78 27.51
C PRO B 273 41.82 12.61 28.86
N HIS B 274 41.26 13.17 29.94
CA HIS B 274 41.80 13.11 31.34
C HIS B 274 42.14 11.66 31.71
N SER B 275 43.12 11.48 32.61
CA SER B 275 43.51 10.16 33.20
C SER B 275 42.26 9.49 33.80
N VAL B 276 41.54 10.21 34.66
CA VAL B 276 40.18 9.82 35.16
C VAL B 276 39.16 10.69 34.42
N PRO B 277 38.50 10.16 33.36
CA PRO B 277 37.82 10.98 32.38
C PRO B 277 36.45 11.52 32.82
N PHE B 278 36.10 12.73 32.33
CA PHE B 278 34.75 13.33 32.44
C PHE B 278 33.89 12.85 31.28
N LEU B 279 32.57 12.76 31.51
CA LEU B 279 31.55 12.39 30.48
C LEU B 279 30.72 13.63 30.14
N ALA B 280 30.85 14.13 28.91
CA ALA B 280 30.02 15.20 28.32
C ALA B 280 28.78 14.57 27.67
N SER B 281 27.58 15.03 28.03
CA SER B 281 26.26 14.56 27.51
C SER B 281 25.55 15.71 26.79
N LEU B 282 25.13 15.46 25.54
CA LEU B 282 24.43 16.42 24.64
C LEU B 282 22.95 16.05 24.60
N SER B 283 22.06 16.99 24.25
CA SER B 283 20.59 16.77 24.25
C SER B 283 19.84 17.79 23.40
N GLU B 284 18.60 17.47 23.06
CA GLU B 284 17.64 18.34 22.31
C GLU B 284 16.99 19.34 23.27
N ASP B 285 17.31 19.27 24.57
CA ASP B 285 16.90 20.28 25.58
C ASP B 285 17.84 21.49 25.51
N CYS B 286 18.78 21.48 24.55
CA CYS B 286 19.70 22.61 24.22
C CYS B 286 20.64 22.89 25.39
N SER B 287 21.02 21.86 26.15
CA SER B 287 21.87 21.96 27.35
C SER B 287 23.02 20.94 27.28
N LEU B 288 24.24 21.40 27.59
CA LEU B 288 25.43 20.53 27.81
C LEU B 288 25.49 20.17 29.30
N ALA B 289 25.91 18.96 29.62
CA ALA B 289 26.20 18.47 30.98
C ALA B 289 27.50 17.66 30.97
N VAL B 290 28.32 17.82 31.99
CA VAL B 290 29.58 17.05 32.20
C VAL B 290 29.48 16.32 33.55
N LEU B 291 29.75 15.01 33.56
CA LEU B 291 29.48 14.11 34.70
C LEU B 291 30.76 13.38 35.13
N ASP B 292 30.77 12.87 36.37
CA ASP B 292 31.88 12.07 36.96
C ASP B 292 31.68 10.59 36.58
N SER B 293 32.48 9.69 37.17
CA SER B 293 32.44 8.22 36.94
C SER B 293 31.06 7.64 37.32
N SER B 294 30.39 8.24 38.30
CA SER B 294 29.08 7.80 38.85
C SER B 294 27.93 8.69 38.34
N LEU B 295 28.15 9.41 37.23
CA LEU B 295 27.12 10.16 36.45
C LEU B 295 26.45 11.24 37.31
N SER B 296 27.20 11.87 38.22
CA SER B 296 26.76 13.03 39.05
C SER B 296 27.11 14.33 38.31
N GLU B 297 26.20 15.33 38.37
CA GLU B 297 26.33 16.61 37.63
C GLU B 297 27.42 17.48 38.27
N LEU B 298 28.48 17.79 37.51
CA LEU B 298 29.60 18.68 37.93
C LEU B 298 29.51 20.03 37.21
N PHE B 299 29.00 20.05 35.98
CA PHE B 299 28.86 21.26 35.13
C PHE B 299 27.58 21.18 34.29
N ARG B 300 27.05 22.34 33.88
CA ARG B 300 25.86 22.48 33.01
C ARG B 300 25.90 23.86 32.34
N SER B 301 25.56 23.92 31.04
CA SER B 301 25.57 25.15 30.21
C SER B 301 24.24 25.29 29.44
N GLN B 302 23.55 26.43 29.64
CA GLN B 302 22.30 26.81 28.93
C GLN B 302 22.65 27.79 27.80
N ALA B 303 23.91 27.82 27.36
CA ALA B 303 24.48 28.80 26.41
C ALA B 303 23.79 28.68 25.04
N HIS B 304 23.51 27.45 24.61
CA HIS B 304 22.88 27.15 23.30
C HIS B 304 21.39 27.51 23.33
N ARG B 305 20.88 28.08 22.23
CA ARG B 305 19.47 28.49 22.04
C ARG B 305 18.74 27.50 21.11
N ASP B 306 19.48 26.62 20.42
CA ASP B 306 18.94 25.47 19.63
C ASP B 306 19.66 24.20 20.10
N PHE B 307 19.43 23.06 19.42
CA PHE B 307 19.92 21.72 19.82
C PHE B 307 21.44 21.66 19.85
N VAL B 308 22.00 20.96 20.84
CA VAL B 308 23.46 20.67 20.98
C VAL B 308 23.78 19.40 20.21
N ARG B 309 24.61 19.50 19.18
CA ARG B 309 24.81 18.43 18.15
C ARG B 309 26.04 17.58 18.46
N ASP B 310 27.19 18.22 18.71
CA ASP B 310 28.49 17.52 18.94
C ASP B 310 29.31 18.26 19.99
N ALA B 311 30.14 17.52 20.73
CA ALA B 311 31.10 18.02 21.75
C ALA B 311 32.46 17.35 21.54
N THR B 312 33.54 18.12 21.69
CA THR B 312 34.94 17.65 21.50
C THR B 312 35.84 18.35 22.52
N TRP B 313 36.60 17.57 23.30
CA TRP B 313 37.54 18.07 24.34
C TRP B 313 38.85 18.52 23.68
N SER B 314 39.40 19.65 24.13
CA SER B 314 40.68 20.22 23.66
C SER B 314 41.81 19.27 24.05
N PRO B 315 42.60 18.75 23.07
CA PRO B 315 43.73 17.88 23.37
C PRO B 315 44.88 18.64 24.05
N LEU B 316 44.90 19.97 23.90
CA LEU B 316 45.96 20.89 24.40
C LEU B 316 45.62 21.36 25.83
N ASN B 317 44.33 21.56 26.13
CA ASN B 317 43.83 22.06 27.44
C ASN B 317 42.61 21.22 27.85
N HIS B 318 42.83 20.17 28.64
CA HIS B 318 41.83 19.11 28.99
C HIS B 318 40.62 19.71 29.74
N SER B 319 40.75 20.90 30.33
CA SER B 319 39.66 21.62 31.03
C SER B 319 38.73 22.31 30.02
N LEU B 320 39.16 22.45 28.76
CA LEU B 320 38.44 23.18 27.69
C LEU B 320 37.65 22.20 26.82
N LEU B 321 36.32 22.33 26.81
CA LEU B 321 35.37 21.50 26.02
C LEU B 321 34.61 22.40 25.03
N THR B 322 34.55 22.01 23.76
CA THR B 322 33.99 22.80 22.63
C THR B 322 32.71 22.11 22.11
N THR B 323 31.58 22.82 22.13
CA THR B 323 30.26 22.34 21.60
C THR B 323 29.88 23.14 20.35
N VAL B 324 29.09 22.52 19.47
CA VAL B 324 28.42 23.18 18.31
C VAL B 324 26.94 22.81 18.32
N GLY B 325 26.08 23.70 17.84
CA GLY B 325 24.61 23.51 17.81
C GLY B 325 23.99 24.01 16.53
N TRP B 326 22.68 23.84 16.38
CA TRP B 326 21.88 24.28 15.20
C TRP B 326 21.63 25.79 15.27
N ASP B 327 22.00 26.45 16.37
CA ASP B 327 21.96 27.93 16.55
C ASP B 327 23.21 28.56 15.93
N HIS B 328 24.04 27.77 15.25
CA HIS B 328 25.30 28.20 14.57
C HIS B 328 26.30 28.76 15.59
N GLN B 329 26.17 28.39 16.88
CA GLN B 329 27.12 28.80 17.95
C GLN B 329 28.21 27.74 18.08
N VAL B 330 29.46 28.18 18.26
CA VAL B 330 30.63 27.32 18.63
C VAL B 330 31.12 27.80 20.00
N VAL B 331 30.50 27.31 21.07
CA VAL B 331 30.78 27.74 22.47
C VAL B 331 32.00 26.96 22.98
N HIS B 332 32.94 27.65 23.63
CA HIS B 332 34.14 27.07 24.30
C HIS B 332 33.95 27.15 25.82
N HIS B 333 33.92 26.01 26.50
CA HIS B 333 33.61 25.86 27.95
C HIS B 333 34.88 25.61 28.75
N VAL B 334 34.99 26.21 29.94
CA VAL B 334 35.98 25.86 30.99
C VAL B 334 35.28 24.96 32.01
N VAL B 335 35.83 23.77 32.27
CA VAL B 335 35.21 22.71 33.13
C VAL B 335 35.97 22.65 34.45
N PRO B 336 35.31 22.88 35.60
CA PRO B 336 36.00 22.89 36.90
C PRO B 336 36.25 21.47 37.43
CS MTA C . -34.36 -9.07 -23.71
S5' MTA C . -34.69 -8.64 -22.05
C5' MTA C . -36.31 -9.30 -22.06
C4' MTA C . -37.26 -8.54 -22.98
O4' MTA C . -38.53 -9.10 -22.71
C2' MTA C . -38.64 -6.86 -21.95
O2' MTA C . -39.35 -5.67 -22.28
C3' MTA C . -37.37 -7.03 -22.75
O3' MTA C . -37.52 -6.38 -24.02
C1' MTA C . -39.46 -8.09 -22.33
N9 MTA C . -40.30 -8.56 -21.22
C8 MTA C . -39.99 -8.64 -19.91
N7 MTA C . -41.03 -9.12 -19.19
C5 MTA C . -42.03 -9.36 -20.05
C6 MTA C . -43.42 -9.87 -19.96
N6 MTA C . -43.94 -10.23 -18.78
N1 MTA C . -44.13 -9.96 -21.11
C2 MTA C . -43.62 -9.61 -22.31
N3 MTA C . -42.37 -9.12 -22.46
C4 MTA C . -41.55 -8.99 -21.38
N3 A1BLI D . -33.59 -7.05 -28.23
C4 A1BLI D . -34.33 -7.94 -27.65
C5 A1BLI D . -33.58 -8.61 -26.70
C6 A1BLI D . -32.33 -8.09 -26.70
C7 A1BLI D . -31.16 -8.51 -25.86
C8 A1BLI D . -31.11 -8.19 -24.39
C10 A1BLI D . -31.91 -7.31 -22.30
C15 A1BLI D . -28.53 -8.98 -21.78
C17 A1BLI D . -29.99 -8.65 -23.74
C20 A1BLI D . -27.17 -5.15 -17.76
C22 A1BLI D . -27.78 -7.09 -16.36
C28 A1BLI D . -24.20 -4.37 -16.89
C1 A1BLI D . -31.20 -6.30 -28.04
C11 A1BLI D . -30.78 -7.79 -21.67
C12 A1BLI D . -30.61 -7.56 -20.19
C14 A1BLI D . -28.44 -8.69 -20.29
C16 A1BLI D . -29.81 -8.46 -22.39
C18 A1BLI D . -28.84 -6.84 -18.63
C19 A1BLI D . -27.78 -5.80 -19.00
C23 A1BLI D . -28.32 -7.84 -17.57
C25 A1BLI D . -25.39 -6.55 -16.72
C27 A1BLI D . -24.36 -5.69 -17.34
C29 A1BLI D . -23.24 -3.58 -17.48
C31 A1BLI D . -22.61 -5.28 -18.93
C33 A1BLI D . -20.90 -4.67 -20.59
C34 A1BLI D . -19.60 -5.22 -21.20
C35 A1BLI D . -19.78 -4.11 -22.27
C36 A1BLI D . -21.28 -4.32 -22.04
C37 A1BLI D . -23.55 -6.15 -18.39
C9 A1BLI D . -32.08 -7.52 -23.66
N13 A1BLI D . -29.18 -7.46 -19.92
N2 A1BLI D . -32.33 -7.14 -27.66
N21 A1BLI D . -26.71 -6.27 -16.91
N30 A1BLI D . -22.50 -4.04 -18.46
N32 A1BLI D . -21.78 -5.68 -19.96
O24 A1BLI D . -29.38 -8.71 -17.16
O26 A1BLI D . -25.04 -7.49 -16.04
C1 EDO E . -3.31 0.67 16.18
O1 EDO E . -2.71 0.23 14.96
C2 EDO E . -3.90 -0.44 16.97
O2 EDO E . -2.99 -1.50 17.22
C1 EDO F . -32.04 -25.37 2.84
O1 EDO F . -30.85 -25.12 2.11
C2 EDO F . -32.28 -24.37 3.90
O2 EDO F . -33.50 -24.58 4.60
C1 EDO G . 7.87 9.88 29.44
O1 EDO G . 8.42 10.31 30.67
C2 EDO G . 6.66 9.03 29.60
O2 EDO G . 5.46 9.72 29.35
C1 EDO H . -39.63 -18.14 2.32
O1 EDO H . -39.60 -17.86 3.71
C2 EDO H . -39.83 -16.92 1.49
O2 EDO H . -41.19 -16.56 1.31
C1 EDO I . -45.59 -4.35 -15.24
O1 EDO I . -46.75 -4.81 -14.55
C2 EDO I . -45.59 -4.71 -16.67
O2 EDO I . -44.86 -3.80 -17.48
C1 EDO J . -8.52 -10.87 1.50
O1 EDO J . -8.56 -12.16 2.09
C2 EDO J . -8.29 -9.79 2.50
O2 EDO J . -7.38 -10.17 3.52
C1 EDO K . -36.81 13.41 -23.83
O1 EDO K . -35.42 13.35 -24.12
C2 EDO K . -37.27 12.29 -22.97
O2 EDO K . -38.63 12.38 -22.60
C1 EDO L . -28.76 -30.17 -15.00
O1 EDO L . -27.65 -29.31 -14.83
C2 EDO L . -29.52 -30.39 -13.74
O2 EDO L . -30.79 -30.96 -13.94
C1 EDO M . 4.36 25.61 8.87
O1 EDO M . 5.19 25.55 7.74
C2 EDO M . 5.07 26.11 10.08
O2 EDO M . 4.36 25.84 11.29
C1 EDO N . -7.32 -0.20 -6.49
O1 EDO N . -7.94 0.47 -5.41
C2 EDO N . -8.14 -1.31 -7.05
O2 EDO N . -8.47 -1.18 -8.42
C1 EDO O . -30.24 3.69 -30.98
O1 EDO O . -31.16 4.22 -30.05
C2 EDO O . -30.73 2.50 -31.71
O2 EDO O . -30.01 2.26 -32.90
C1 EDO P . -26.47 2.89 -7.69
O1 EDO P . -26.02 1.93 -8.63
C2 EDO P . -25.37 3.50 -6.90
O2 EDO P . -24.15 3.62 -7.61
C1 EDO Q . -27.53 -25.41 9.70
O1 EDO Q . -26.91 -25.54 8.43
C2 EDO Q . -26.71 -24.62 10.66
O2 EDO Q . -27.39 -24.36 11.88
C1 EDO R . -0.38 11.91 26.78
O1 EDO R . -1.45 12.65 27.33
C2 EDO R . 0.43 12.70 25.81
O2 EDO R . -0.12 12.75 24.50
NA NA S . -17.46 -0.49 9.57
NA NA T . 0.41 10.89 -8.08
NA NA U . -43.33 -4.88 0.21
NA NA V . -38.24 -0.27 -2.88
C1 GOL W . -13.74 11.67 4.67
O1 GOL W . -13.47 10.78 3.59
C2 GOL W . -14.52 12.88 4.21
O2 GOL W . -15.00 13.61 5.34
C3 GOL W . -13.70 13.81 3.32
O3 GOL W . -14.47 14.34 2.25
CL CL X . -14.58 -14.66 -17.00
C1 EDO Y . 12.00 3.43 11.45
O1 EDO Y . 11.14 2.95 12.46
C2 EDO Y . 12.20 2.46 10.35
O2 EDO Y . 12.96 2.97 9.26
C1 EDO Z . 33.28 7.79 -6.33
O1 EDO Z . 34.44 7.62 -5.56
C2 EDO Z . 32.55 6.53 -6.58
O2 EDO Z . 31.83 6.50 -7.80
#